data_7N52
#
_entry.id   7N52
#
_cell.length_a   69.290
_cell.length_b   103.852
_cell.length_c   78.992
_cell.angle_alpha   90.000
_cell.angle_beta   111.544
_cell.angle_gamma   90.000
#
_symmetry.space_group_name_H-M   'P 1 21 1'
#
_entity_poly.entity_id   1
_entity_poly.type   'polypeptide(L)'
_entity_poly.pdbx_seq_one_letter_code
;SE(P1L)NDPFVVALKDKGYSLVAYPKTSIRPLHIYEHTIKNAFKRIWIQSEAQPTSGFIKSLFSDKIHGAIGLSDGQGI
DIDLRKTNSLSSAVAAKILESYFQDSAPSFDLAFENSSSVIFHIEEIITTDADEISLRNWLNDNQNELREIYKEEIKKGN
FFVATSLLRAKK(MSE)R(MSE)QFERKNKGELGVDVSKIKNLPVDAKLESKIEGSTYDRLVFETPDEGIVFGVKLVRLF
FSDNGILTIDKKQDFNRVLGEN(MSE)ALNLFTEIQDAGFIEVT
;
_entity_poly.pdbx_strand_id   A,B,C,D
#
# COMPACT_ATOMS: atom_id res chain seq x y z
N GLU A 2 10.99 17.32 -11.54
CA GLU A 2 11.99 17.10 -12.58
C GLU A 2 13.40 17.46 -12.09
N ASN A 4 17.31 18.25 -12.00
CA ASN A 4 18.16 19.05 -12.86
C ASN A 4 19.63 18.73 -12.68
N ASP A 5 19.93 17.69 -11.92
CA ASP A 5 21.31 17.31 -11.68
C ASP A 5 21.90 16.71 -12.95
N PRO A 6 23.11 17.11 -13.34
CA PRO A 6 23.72 16.57 -14.56
C PRO A 6 23.86 15.06 -14.56
N PHE A 7 23.92 14.43 -13.39
CA PHE A 7 23.99 12.98 -13.33
C PHE A 7 22.68 12.36 -13.84
N VAL A 8 21.55 12.88 -13.39
CA VAL A 8 20.26 12.32 -13.77
C VAL A 8 19.88 12.77 -15.18
N VAL A 9 20.15 14.03 -15.53
CA VAL A 9 19.87 14.52 -16.88
C VAL A 9 20.61 13.69 -17.91
N ALA A 10 21.87 13.33 -17.63
CA ALA A 10 22.59 12.45 -18.54
C ALA A 10 21.92 11.09 -18.64
N LEU A 11 21.34 10.60 -17.55
CA LEU A 11 20.70 9.30 -17.56
C LEU A 11 19.44 9.31 -18.42
N LYS A 12 18.68 10.40 -18.39
CA LYS A 12 17.46 10.46 -19.19
C LYS A 12 17.76 10.60 -20.67
N ASP A 13 18.98 11.01 -21.03
CA ASP A 13 19.32 11.13 -22.45
C ASP A 13 19.48 9.76 -23.11
N LYS A 14 19.94 8.76 -22.37
CA LYS A 14 20.07 7.40 -22.87
C LYS A 14 18.91 6.52 -22.43
N GLY A 15 17.76 7.12 -22.10
CA GLY A 15 16.57 6.36 -21.76
C GLY A 15 16.64 5.54 -20.50
N TYR A 16 17.60 5.79 -19.61
CA TYR A 16 17.68 5.11 -18.33
C TYR A 16 16.81 5.82 -17.29
N SER A 17 16.20 5.02 -16.41
CA SER A 17 15.48 5.52 -15.27
C SER A 17 16.05 4.90 -14.00
N LEU A 18 16.30 5.73 -12.99
CA LEU A 18 16.88 5.25 -11.74
C LEU A 18 15.96 4.24 -11.08
N VAL A 19 16.57 3.24 -10.45
CA VAL A 19 15.86 2.11 -9.87
C VAL A 19 15.91 2.21 -8.36
N ALA A 20 14.76 2.01 -7.71
CA ALA A 20 14.75 1.84 -6.27
C ALA A 20 15.49 0.55 -5.91
N TYR A 21 15.78 0.40 -4.62
CA TYR A 21 16.57 -0.74 -4.16
C TYR A 21 15.90 -2.03 -4.59
N PRO A 22 16.52 -2.82 -5.45
CA PRO A 22 15.80 -3.92 -6.10
C PRO A 22 15.44 -5.07 -5.16
N LYS A 23 14.19 -5.10 -4.72
CA LYS A 23 13.64 -6.30 -4.12
C LYS A 23 13.75 -7.48 -5.07
N THR A 24 13.69 -7.21 -6.39
CA THR A 24 13.68 -8.24 -7.42
C THR A 24 15.06 -8.50 -8.01
N SER A 25 15.91 -7.48 -8.07
CA SER A 25 17.15 -7.53 -8.86
C SER A 25 16.79 -7.86 -10.30
N ILE A 26 16.34 -6.84 -11.05
CA ILE A 26 15.83 -7.06 -12.39
C ILE A 26 16.95 -7.56 -13.32
N ARG A 27 16.54 -8.19 -14.42
CA ARG A 27 17.47 -8.76 -15.36
C ARG A 27 17.23 -8.21 -16.76
N PRO A 28 18.27 -8.20 -17.61
CA PRO A 28 18.08 -7.74 -18.99
C PRO A 28 17.16 -8.65 -19.77
N LEU A 29 16.52 -8.07 -20.80
CA LEU A 29 15.62 -8.79 -21.70
C LEU A 29 14.46 -9.43 -20.96
N HIS A 30 13.99 -8.78 -19.90
CA HIS A 30 12.87 -9.26 -19.11
C HIS A 30 11.70 -8.28 -19.22
N ILE A 31 10.49 -8.81 -19.13
CA ILE A 31 9.28 -8.05 -19.37
C ILE A 31 8.71 -7.57 -18.04
N TYR A 32 8.21 -6.33 -18.02
CA TYR A 32 7.59 -5.76 -16.83
C TYR A 32 6.37 -4.96 -17.25
N GLU A 33 5.23 -5.24 -16.62
CA GLU A 33 4.00 -4.53 -16.90
C GLU A 33 3.96 -3.21 -16.14
N HIS A 34 3.56 -2.14 -16.84
CA HIS A 34 3.47 -0.82 -16.24
C HIS A 34 2.07 -0.61 -15.67
N THR A 35 1.99 -0.30 -14.39
CA THR A 35 0.71 -0.06 -13.74
C THR A 35 0.44 1.42 -13.59
N ILE A 36 1.02 2.04 -12.56
CA ILE A 36 0.74 3.41 -12.20
C ILE A 36 2.05 4.17 -12.05
N LYS A 37 2.01 5.46 -12.41
CA LYS A 37 3.13 6.39 -12.21
C LYS A 37 4.45 5.81 -12.67
N ASN A 38 5.38 5.60 -11.74
CA ASN A 38 6.67 4.97 -12.01
C ASN A 38 6.77 3.58 -11.39
N ALA A 39 5.65 2.88 -11.29
CA ALA A 39 5.61 1.56 -10.68
C ALA A 39 5.47 0.48 -11.75
N PHE A 40 6.14 -0.65 -11.52
CA PHE A 40 6.11 -1.76 -12.45
C PHE A 40 5.83 -3.05 -11.71
N LYS A 41 5.38 -4.05 -12.47
CA LYS A 41 5.02 -5.36 -11.93
C LYS A 41 5.70 -6.42 -12.78
N ARG A 42 6.34 -7.38 -12.13
CA ARG A 42 7.05 -8.43 -12.85
C ARG A 42 6.05 -9.37 -13.53
N ILE A 43 6.37 -9.76 -14.76
CA ILE A 43 5.57 -10.69 -15.53
C ILE A 43 6.22 -12.07 -15.46
N TRP A 44 5.45 -13.06 -15.05
CA TRP A 44 5.93 -14.43 -14.91
C TRP A 44 5.41 -15.29 -16.04
N ILE A 45 6.31 -15.95 -16.75
CA ILE A 45 5.97 -16.77 -17.91
C ILE A 45 6.36 -18.21 -17.60
N GLN A 46 5.37 -19.10 -17.59
CA GLN A 46 5.64 -20.52 -17.39
C GLN A 46 6.25 -21.11 -18.64
N PRO A 51 11.05 -23.66 -16.92
CA PRO A 51 11.54 -22.66 -15.97
C PRO A 51 10.77 -21.36 -16.04
N THR A 52 9.89 -21.12 -15.07
CA THR A 52 9.14 -19.87 -15.03
C THR A 52 10.10 -18.69 -14.92
N SER A 53 9.94 -17.70 -15.81
CA SER A 53 10.89 -16.61 -15.91
C SER A 53 10.15 -15.36 -16.35
N GLY A 54 10.92 -14.31 -16.66
CA GLY A 54 10.40 -13.09 -17.25
C GLY A 54 11.06 -12.81 -18.57
N PHE A 55 11.84 -13.78 -19.05
CA PHE A 55 12.57 -13.65 -20.31
C PHE A 55 11.60 -13.36 -21.46
N ILE A 56 12.08 -12.58 -22.43
CA ILE A 56 11.26 -12.25 -23.58
C ILE A 56 11.24 -13.40 -24.57
N LYS A 57 12.31 -14.21 -24.62
CA LYS A 57 12.30 -15.39 -25.46
C LYS A 57 11.29 -16.42 -24.98
N SER A 58 10.93 -16.42 -23.69
CA SER A 58 9.94 -17.35 -23.18
C SER A 58 8.52 -16.97 -23.56
N LEU A 59 8.32 -15.82 -24.20
CA LEU A 59 7.01 -15.44 -24.71
C LEU A 59 6.64 -16.18 -25.97
N PHE A 60 7.55 -16.96 -26.55
CA PHE A 60 7.35 -17.62 -27.83
C PHE A 60 7.48 -19.12 -27.67
N SER A 61 7.32 -19.85 -28.77
CA SER A 61 7.34 -21.31 -28.75
C SER A 61 8.76 -21.85 -28.72
N ASP A 62 8.93 -23.06 -29.24
CA ASP A 62 10.25 -23.70 -29.30
C ASP A 62 10.99 -23.36 -30.59
N LYS A 63 10.25 -23.08 -31.67
CA LYS A 63 10.83 -22.85 -32.99
C LYS A 63 11.32 -21.40 -33.08
N ILE A 64 12.41 -21.14 -32.36
CA ILE A 64 13.08 -19.85 -32.37
C ILE A 64 14.49 -20.06 -32.91
N HIS A 65 14.80 -19.37 -34.01
CA HIS A 65 16.17 -19.33 -34.54
C HIS A 65 16.61 -17.88 -34.56
N GLY A 66 16.78 -17.32 -33.36
CA GLY A 66 17.15 -15.93 -33.23
C GLY A 66 18.13 -15.74 -32.09
N ALA A 67 19.01 -14.75 -32.27
CA ALA A 67 20.01 -14.39 -31.28
C ALA A 67 19.90 -12.90 -31.00
N ILE A 68 19.41 -12.55 -29.81
CA ILE A 68 19.38 -11.15 -29.39
C ILE A 68 20.74 -10.82 -28.79
N GLY A 69 21.43 -9.85 -29.38
CA GLY A 69 22.77 -9.50 -28.94
C GLY A 69 22.85 -8.94 -27.54
N LEU A 70 23.31 -9.75 -26.59
CA LEU A 70 23.53 -9.32 -25.22
C LEU A 70 25.03 -9.17 -25.00
N SER A 71 25.43 -8.13 -24.27
CA SER A 71 26.84 -7.87 -24.05
C SER A 71 27.03 -7.12 -22.73
N ASP A 72 27.94 -7.62 -21.91
CA ASP A 72 28.31 -6.96 -20.66
C ASP A 72 29.49 -6.03 -20.93
N GLY A 73 29.29 -4.73 -20.70
CA GLY A 73 30.32 -3.74 -20.94
C GLY A 73 30.90 -3.16 -19.66
N ARG A 81 30.53 8.66 -12.79
CA ARG A 81 29.87 9.94 -12.59
C ARG A 81 29.72 10.29 -11.12
N LYS A 82 29.17 11.48 -10.85
CA LYS A 82 28.80 11.89 -9.51
C LYS A 82 27.87 13.08 -9.61
N THR A 83 27.02 13.24 -8.60
CA THR A 83 26.02 14.29 -8.61
C THR A 83 26.61 15.61 -8.14
N ASN A 84 25.84 16.68 -8.33
CA ASN A 84 26.20 17.97 -7.77
C ASN A 84 25.95 17.98 -6.26
N SER A 85 26.40 19.04 -5.61
CA SER A 85 26.19 19.19 -4.18
C SER A 85 24.71 19.36 -3.86
N LEU A 86 24.21 18.52 -2.97
CA LEU A 86 22.80 18.51 -2.61
C LEU A 86 22.64 18.88 -1.14
N SER A 87 21.53 19.53 -0.81
CA SER A 87 21.20 19.78 0.58
C SER A 87 20.89 18.46 1.27
N SER A 88 21.15 18.43 2.58
CA SER A 88 20.99 17.18 3.33
C SER A 88 19.53 16.73 3.31
N ALA A 89 18.59 17.67 3.35
CA ALA A 89 17.17 17.31 3.29
C ALA A 89 16.84 16.67 1.95
N VAL A 90 17.42 17.18 0.86
CA VAL A 90 17.25 16.54 -0.44
C VAL A 90 17.85 15.15 -0.42
N ALA A 91 19.08 15.02 0.10
CA ALA A 91 19.71 13.70 0.19
C ALA A 91 18.91 12.77 1.10
N ALA A 92 18.26 13.33 2.12
CA ALA A 92 17.40 12.51 2.97
C ALA A 92 16.21 11.97 2.19
N LYS A 93 15.56 12.82 1.39
CA LYS A 93 14.42 12.35 0.60
C LYS A 93 14.85 11.35 -0.48
N ILE A 94 16.07 11.49 -1.00
CA ILE A 94 16.56 10.55 -2.00
C ILE A 94 16.61 9.14 -1.43
N LEU A 95 17.29 8.96 -0.30
CA LEU A 95 17.39 7.64 0.30
C LEU A 95 16.07 7.16 0.85
N GLU A 96 15.19 8.08 1.27
CA GLU A 96 13.86 7.68 1.69
C GLU A 96 13.09 7.03 0.55
N SER A 97 13.15 7.61 -0.64
CA SER A 97 12.49 7.01 -1.80
C SER A 97 13.25 5.79 -2.30
N TYR A 98 14.58 5.79 -2.19
CA TYR A 98 15.37 4.68 -2.71
C TYR A 98 15.17 3.41 -1.89
N PHE A 99 15.07 3.53 -0.56
CA PHE A 99 14.83 2.36 0.28
C PHE A 99 13.41 2.36 0.84
N GLN A 100 12.41 2.60 -0.03
CA GLN A 100 11.04 2.79 0.44
C GLN A 100 10.41 1.52 0.99
N ASP A 101 11.05 0.36 0.81
CA ASP A 101 10.43 -0.89 1.25
C ASP A 101 10.55 -1.06 2.76
N SER A 102 11.76 -0.92 3.29
CA SER A 102 12.00 -1.12 4.72
C SER A 102 11.71 0.11 5.56
N ALA A 103 11.45 1.26 4.94
CA ALA A 103 11.13 2.51 5.62
C ALA A 103 12.23 2.91 6.61
N PRO A 104 13.37 3.39 6.14
CA PRO A 104 14.41 3.86 7.06
C PRO A 104 14.17 5.29 7.50
N SER A 105 14.87 5.68 8.56
CA SER A 105 14.83 7.03 9.09
C SER A 105 16.17 7.70 8.81
N PHE A 106 16.12 8.89 8.20
CA PHE A 106 17.31 9.70 7.93
C PHE A 106 17.11 11.16 8.29
N ASP A 107 15.98 11.50 8.92
CA ASP A 107 15.55 12.89 9.11
C ASP A 107 16.65 13.80 9.64
N LEU A 108 17.05 13.61 10.90
CA LEU A 108 18.08 14.44 11.52
C LEU A 108 19.41 13.71 11.65
N ALA A 109 19.60 12.62 10.90
CA ALA A 109 20.89 11.96 10.86
C ALA A 109 21.93 12.77 10.10
N PHE A 110 21.48 13.64 9.19
CA PHE A 110 22.37 14.48 8.39
C PHE A 110 22.47 15.90 8.93
N GLU A 111 22.28 16.09 10.24
CA GLU A 111 22.22 17.44 10.80
C GLU A 111 23.54 18.18 10.60
N ASN A 112 24.66 17.48 10.76
CA ASN A 112 25.97 18.10 10.58
C ASN A 112 26.40 18.21 9.12
N SER A 113 25.54 17.82 8.18
CA SER A 113 25.90 17.83 6.77
C SER A 113 25.43 19.13 6.14
N SER A 114 26.37 19.91 5.60
CA SER A 114 26.02 21.11 4.86
C SER A 114 25.75 20.83 3.39
N SER A 115 26.45 19.85 2.81
CA SER A 115 26.22 19.41 1.45
C SER A 115 26.65 17.96 1.34
N VAL A 116 25.96 17.22 0.47
CA VAL A 116 26.24 15.81 0.24
C VAL A 116 26.47 15.58 -1.24
N ILE A 117 27.40 14.68 -1.57
CA ILE A 117 27.73 14.33 -2.95
C ILE A 117 27.54 12.83 -3.10
N PHE A 118 26.71 12.43 -4.05
CA PHE A 118 26.60 11.02 -4.39
C PHE A 118 27.70 10.64 -5.37
N HIS A 119 28.31 9.47 -5.15
CA HIS A 119 29.37 8.97 -6.01
C HIS A 119 29.00 7.59 -6.50
N ILE A 120 28.82 7.46 -7.80
CA ILE A 120 28.50 6.18 -8.44
C ILE A 120 29.65 5.87 -9.39
N GLU A 121 30.55 5.00 -8.96
CA GLU A 121 31.74 4.66 -9.71
C GLU A 121 31.77 3.16 -10.01
N GLU A 122 32.75 2.75 -10.80
CA GLU A 122 32.89 1.37 -11.25
C GLU A 122 31.59 0.88 -11.87
N ILE A 123 31.31 1.42 -13.05
CA ILE A 123 30.08 1.17 -13.76
C ILE A 123 30.28 0.03 -14.74
N ILE A 124 29.39 -0.97 -14.70
CA ILE A 124 29.36 -2.03 -15.69
C ILE A 124 27.96 -2.04 -16.31
N THR A 125 27.91 -2.09 -17.63
CA THR A 125 26.66 -1.99 -18.38
C THR A 125 26.34 -3.34 -19.02
N THR A 126 25.10 -3.78 -18.86
CA THR A 126 24.57 -4.95 -19.54
C THR A 126 23.62 -4.43 -20.62
N ASP A 127 24.13 -4.28 -21.84
CA ASP A 127 23.40 -3.63 -22.93
C ASP A 127 23.03 -4.67 -23.97
N ALA A 128 21.73 -4.93 -24.09
CA ALA A 128 21.23 -5.77 -25.18
C ALA A 128 21.19 -4.97 -26.47
N ASP A 129 21.44 -5.67 -27.58
CA ASP A 129 21.40 -5.03 -28.90
C ASP A 129 19.96 -4.71 -29.25
N GLU A 130 19.62 -3.42 -29.27
CA GLU A 130 18.24 -3.01 -29.55
C GLU A 130 17.88 -3.28 -31.01
N ILE A 131 18.83 -3.09 -31.93
CA ILE A 131 18.57 -3.38 -33.33
C ILE A 131 18.27 -4.87 -33.51
N SER A 132 19.11 -5.72 -32.92
CA SER A 132 18.88 -7.16 -32.98
C SER A 132 17.56 -7.54 -32.33
N LEU A 133 17.13 -6.81 -31.30
CA LEU A 133 15.89 -7.16 -30.62
C LEU A 133 14.69 -6.98 -31.53
N ARG A 134 14.64 -5.88 -32.27
CA ARG A 134 13.52 -5.67 -33.19
C ARG A 134 13.46 -6.76 -34.25
N ASN A 135 14.57 -6.98 -34.97
CA ASN A 135 14.61 -8.01 -35.99
C ASN A 135 14.26 -9.37 -35.42
N TRP A 136 14.72 -9.66 -34.20
CA TRP A 136 14.34 -10.90 -33.53
C TRP A 136 12.83 -10.94 -33.31
N LEU A 137 12.24 -9.81 -32.93
CA LEU A 137 10.79 -9.78 -32.70
C LEU A 137 10.03 -9.95 -34.00
N ASN A 138 10.55 -9.39 -35.09
CA ASN A 138 9.84 -9.44 -36.36
C ASN A 138 9.86 -10.85 -36.96
N ASP A 139 11.02 -11.50 -36.94
CA ASP A 139 11.16 -12.81 -37.58
C ASP A 139 10.39 -13.88 -36.83
N ASN A 140 10.41 -13.83 -35.50
CA ASN A 140 9.77 -14.85 -34.66
C ASN A 140 8.37 -14.45 -34.22
N GLN A 141 7.73 -13.50 -34.91
CA GLN A 141 6.40 -13.04 -34.49
C GLN A 141 5.36 -14.14 -34.64
N ASN A 142 5.46 -14.94 -35.70
CA ASN A 142 4.50 -16.02 -35.94
C ASN A 142 4.55 -17.09 -34.87
N GLU A 143 5.58 -17.11 -34.02
CA GLU A 143 5.68 -18.07 -32.94
C GLU A 143 5.29 -17.48 -31.59
N LEU A 144 4.64 -16.32 -31.57
CA LEU A 144 4.25 -15.71 -30.30
C LEU A 144 3.06 -16.44 -29.69
N ARG A 145 3.06 -16.56 -28.37
CA ARG A 145 1.96 -17.23 -27.69
C ARG A 145 0.70 -16.38 -27.76
N GLU A 146 -0.43 -17.01 -28.11
CA GLU A 146 -1.67 -16.27 -28.29
C GLU A 146 -2.17 -15.69 -26.97
N ILE A 147 -1.95 -16.42 -25.86
CA ILE A 147 -2.41 -15.92 -24.56
C ILE A 147 -1.69 -14.63 -24.21
N TYR A 148 -0.41 -14.52 -24.55
CA TYR A 148 0.36 -13.31 -24.31
C TYR A 148 0.14 -12.26 -25.39
N LYS A 149 -0.38 -12.65 -26.55
CA LYS A 149 -0.60 -11.70 -27.63
C LYS A 149 -1.65 -10.67 -27.24
N GLU A 150 -2.77 -11.13 -26.68
CA GLU A 150 -3.86 -10.21 -26.35
C GLU A 150 -3.43 -9.22 -25.26
N GLU A 151 -2.60 -9.66 -24.31
CA GLU A 151 -2.09 -8.73 -23.30
C GLU A 151 -1.04 -7.78 -23.87
N ILE A 152 -0.22 -8.23 -24.82
CA ILE A 152 0.74 -7.33 -25.46
C ILE A 152 0.01 -6.21 -26.18
N LYS A 153 -1.21 -6.47 -26.65
CA LYS A 153 -1.99 -5.45 -27.34
C LYS A 153 -2.43 -4.33 -26.40
N LYS A 154 -2.39 -4.55 -25.09
CA LYS A 154 -2.79 -3.50 -24.15
C LYS A 154 -1.81 -2.35 -24.12
N GLY A 155 -0.56 -2.57 -24.54
CA GLY A 155 0.42 -1.51 -24.64
C GLY A 155 1.20 -1.20 -23.38
N ASN A 156 1.06 -2.01 -22.34
CA ASN A 156 1.74 -1.76 -21.07
C ASN A 156 2.97 -2.63 -20.87
N PHE A 157 3.38 -3.42 -21.87
CA PHE A 157 4.57 -4.25 -21.74
C PHE A 157 5.82 -3.46 -22.07
N PHE A 158 6.84 -3.61 -21.24
CA PHE A 158 8.12 -2.94 -21.41
C PHE A 158 9.26 -3.94 -21.31
N VAL A 159 10.23 -3.82 -22.21
CA VAL A 159 11.38 -4.71 -22.28
C VAL A 159 12.59 -3.96 -21.73
N ALA A 160 13.27 -4.56 -20.76
CA ALA A 160 14.50 -4.00 -20.21
C ALA A 160 15.64 -4.28 -21.19
N THR A 161 16.08 -3.25 -21.92
CA THR A 161 17.10 -3.42 -22.94
C THR A 161 18.49 -3.08 -22.47
N SER A 162 18.65 -2.49 -21.28
CA SER A 162 19.97 -2.14 -20.79
C SER A 162 19.92 -1.98 -19.28
N LEU A 163 21.03 -2.34 -18.62
CA LEU A 163 21.17 -2.24 -17.17
C LEU A 163 22.37 -1.37 -16.81
N LEU A 164 22.23 -0.63 -15.71
CA LEU A 164 23.31 0.14 -15.13
C LEU A 164 23.64 -0.43 -13.76
N ARG A 165 24.86 -0.98 -13.63
CA ARG A 165 25.33 -1.56 -12.38
C ARG A 165 26.51 -0.77 -11.86
N ALA A 166 26.65 -0.72 -10.54
CA ALA A 166 27.72 0.01 -9.88
C ALA A 166 28.41 -0.91 -8.87
N LYS A 167 29.72 -1.10 -9.04
CA LYS A 167 30.50 -1.80 -8.02
C LYS A 167 30.76 -0.94 -6.80
N LYS A 168 30.92 0.37 -6.98
CA LYS A 168 31.27 1.27 -5.89
C LYS A 168 30.27 2.40 -5.82
N ARG A 170 29.22 5.49 -2.97
CA ARG A 170 29.55 6.13 -1.71
C ARG A 170 29.00 7.55 -1.68
N GLN A 172 29.56 11.46 0.02
CA GLN A 172 30.47 12.39 0.66
C GLN A 172 29.66 13.45 1.41
N PHE A 173 29.96 13.62 2.69
CA PHE A 173 29.28 14.58 3.55
C PHE A 173 30.26 15.67 3.96
N GLU A 174 29.95 16.90 3.59
CA GLU A 174 30.75 18.05 3.99
C GLU A 174 30.32 18.52 5.38
N ARG A 175 31.29 18.74 6.26
CA ARG A 175 31.01 19.07 7.64
C ARG A 175 30.57 20.53 7.77
N LYS A 176 29.37 20.74 8.29
CA LYS A 176 29.02 22.05 8.84
C LYS A 176 29.96 22.40 9.99
N ASN A 177 30.21 21.42 10.86
CA ASN A 177 31.01 21.60 12.06
C ASN A 177 32.12 20.55 12.01
N LYS A 178 33.36 20.99 11.83
CA LYS A 178 34.48 20.07 11.88
C LYS A 178 34.67 19.57 13.31
N GLY A 179 35.30 18.40 13.43
CA GLY A 179 35.40 17.72 14.70
C GLY A 179 34.24 16.82 15.03
N GLU A 180 33.08 17.05 14.41
CA GLU A 180 31.92 16.16 14.51
C GLU A 180 31.69 15.51 13.16
N LEU A 181 31.18 14.28 13.20
CA LEU A 181 30.99 13.50 11.97
C LEU A 181 29.91 14.12 11.10
N GLY A 182 30.17 14.18 9.79
CA GLY A 182 29.20 14.72 8.86
C GLY A 182 27.91 13.94 8.85
N VAL A 183 27.98 12.63 9.09
CA VAL A 183 26.81 11.76 9.18
C VAL A 183 26.81 11.09 10.54
N ASP A 184 25.68 11.14 11.22
CA ASP A 184 25.50 10.49 12.53
C ASP A 184 24.80 9.16 12.28
N VAL A 185 25.59 8.08 12.20
CA VAL A 185 25.07 6.76 11.89
C VAL A 185 24.07 6.26 12.94
N SER A 186 24.05 6.87 14.13
CA SER A 186 23.09 6.45 15.15
C SER A 186 21.65 6.63 14.66
N LYS A 187 21.35 7.76 14.04
CA LYS A 187 20.00 8.07 13.58
C LYS A 187 19.65 7.46 12.22
N ILE A 188 20.35 6.40 11.82
CA ILE A 188 20.02 5.64 10.63
C ILE A 188 19.31 4.38 11.12
N LYS A 189 17.99 4.39 11.03
CA LYS A 189 17.20 3.42 11.79
C LYS A 189 17.13 2.06 11.12
N ASN A 190 16.80 2.01 9.81
CA ASN A 190 16.49 0.73 9.21
C ASN A 190 17.04 0.67 7.78
N LEU A 191 18.36 0.53 7.65
CA LEU A 191 19.01 0.58 6.35
C LEU A 191 19.17 -0.83 5.79
N PRO A 192 18.63 -1.13 4.59
CA PRO A 192 18.70 -2.50 4.07
C PRO A 192 20.11 -2.96 3.70
N VAL A 193 21.05 -2.04 3.47
CA VAL A 193 22.37 -2.41 2.97
C VAL A 193 23.41 -1.96 4.00
N ASP A 194 24.59 -2.59 3.93
CA ASP A 194 25.65 -2.39 4.91
C ASP A 194 26.49 -1.17 4.53
N ALA A 195 26.78 -0.33 5.52
CA ALA A 195 27.52 0.91 5.30
C ALA A 195 28.50 1.17 6.43
N LYS A 196 29.71 1.60 6.06
CA LYS A 196 30.79 1.87 6.99
C LYS A 196 31.55 3.11 6.51
N LEU A 197 32.22 3.79 7.44
CA LEU A 197 32.89 5.04 7.14
C LEU A 197 34.26 4.81 6.48
N GLU A 198 34.60 5.71 5.55
CA GLU A 198 35.88 5.69 4.85
C GLU A 198 36.93 6.45 5.64
N SER A 199 38.20 6.23 5.27
CA SER A 199 39.32 6.88 5.94
C SER A 199 39.28 8.39 5.75
N LYS A 200 39.65 9.13 6.80
CA LYS A 200 39.62 10.58 6.76
C LYS A 200 40.93 11.14 6.20
N ILE A 201 41.03 12.46 6.13
CA ILE A 201 42.22 13.12 5.61
C ILE A 201 42.63 14.26 6.54
N THR A 205 38.98 16.24 5.34
CA THR A 205 38.28 17.46 5.74
C THR A 205 36.77 17.22 5.74
N TYR A 206 36.36 16.11 5.13
CA TYR A 206 34.96 15.77 4.96
C TYR A 206 34.78 14.28 5.17
N ASP A 207 33.55 13.88 5.44
CA ASP A 207 33.24 12.48 5.76
C ASP A 207 32.71 11.76 4.53
N ARG A 208 33.14 10.52 4.35
CA ARG A 208 32.69 9.68 3.25
C ARG A 208 32.03 8.43 3.79
N LEU A 209 30.91 8.04 3.19
CA LEU A 209 30.12 6.91 3.63
C LEU A 209 29.98 5.94 2.46
N VAL A 210 30.40 4.70 2.65
CA VAL A 210 30.45 3.71 1.58
C VAL A 210 29.41 2.62 1.85
N PHE A 211 28.84 2.09 0.77
CA PHE A 211 27.84 1.04 0.83
C PHE A 211 28.35 -0.18 0.08
N GLU A 212 28.28 -1.35 0.72
CA GLU A 212 28.82 -2.56 0.12
C GLU A 212 27.94 -3.05 -1.02
N THR A 213 28.57 -3.47 -2.11
CA THR A 213 27.91 -3.92 -3.32
C THR A 213 28.49 -5.26 -3.77
N PRO A 214 27.71 -6.07 -4.49
CA PRO A 214 28.21 -7.36 -5.00
C PRO A 214 29.30 -7.19 -6.05
N ILE A 218 25.49 -3.47 -7.68
CA ILE A 218 24.04 -3.60 -7.66
C ILE A 218 23.45 -3.20 -9.02
N VAL A 219 22.19 -2.75 -9.00
CA VAL A 219 21.53 -2.20 -10.18
C VAL A 219 20.90 -0.89 -9.78
N PHE A 220 21.30 0.20 -10.45
CA PHE A 220 20.74 1.51 -10.19
C PHE A 220 20.04 2.15 -11.39
N GLY A 221 20.25 1.63 -12.61
CA GLY A 221 19.58 2.16 -13.78
C GLY A 221 19.08 1.11 -14.75
N VAL A 222 17.89 1.32 -15.31
CA VAL A 222 17.33 0.43 -16.31
C VAL A 222 16.84 1.24 -17.50
N LYS A 223 16.95 0.65 -18.69
CA LYS A 223 16.39 1.22 -19.91
C LYS A 223 15.20 0.36 -20.31
N LEU A 224 14.00 0.93 -20.25
CA LEU A 224 12.76 0.22 -20.55
C LEU A 224 12.20 0.76 -21.87
N VAL A 225 12.02 -0.15 -22.83
CA VAL A 225 11.39 0.17 -24.11
C VAL A 225 10.07 -0.59 -24.18
N ARG A 226 9.04 0.09 -24.66
CA ARG A 226 7.72 -0.54 -24.76
C ARG A 226 7.74 -1.63 -25.83
N LEU A 227 7.08 -2.74 -25.52
CA LEU A 227 6.86 -3.84 -26.47
C LEU A 227 5.44 -3.71 -26.99
N PHE A 228 5.29 -3.34 -28.26
CA PHE A 228 3.99 -2.98 -28.80
C PHE A 228 3.84 -3.54 -30.22
N PHE A 229 2.61 -3.49 -30.70
CA PHE A 229 2.29 -3.77 -32.10
C PHE A 229 2.15 -2.45 -32.86
N SER A 230 2.81 -2.35 -34.00
CA SER A 230 2.77 -1.15 -34.82
C SER A 230 1.42 -1.04 -35.53
N ASP A 231 1.26 -0.04 -36.38
CA ASP A 231 -0.02 0.21 -37.03
C ASP A 231 -0.36 -0.90 -38.02
N ASN A 232 0.63 -1.42 -38.74
CA ASN A 232 0.41 -2.59 -39.58
C ASN A 232 0.40 -3.89 -38.79
N GLY A 233 0.57 -3.83 -37.48
CA GLY A 233 0.42 -5.00 -36.64
C GLY A 233 1.66 -5.84 -36.46
N ILE A 234 2.85 -5.25 -36.56
CA ILE A 234 4.11 -5.98 -36.47
C ILE A 234 4.66 -5.84 -35.06
N LEU A 235 4.97 -6.96 -34.43
CA LEU A 235 5.61 -6.97 -33.12
C LEU A 235 6.98 -6.30 -33.21
N THR A 236 7.19 -5.25 -32.41
CA THR A 236 8.42 -4.49 -32.49
C THR A 236 8.58 -3.62 -31.26
N ILE A 237 9.77 -3.02 -31.14
CA ILE A 237 10.05 -1.96 -30.19
C ILE A 237 10.33 -0.64 -30.87
N ASP A 238 10.27 -0.60 -32.21
CA ASP A 238 10.61 0.59 -32.98
C ASP A 238 9.34 1.29 -33.44
N LYS A 239 9.27 2.60 -33.20
CA LYS A 239 8.13 3.37 -33.68
C LYS A 239 8.14 3.54 -35.20
N LYS A 240 9.32 3.45 -35.82
CA LYS A 240 9.44 3.52 -37.28
C LYS A 240 9.52 2.14 -37.91
N GLN A 241 8.76 1.18 -37.37
CA GLN A 241 8.78 -0.18 -37.91
C GLN A 241 8.26 -0.21 -39.34
N ASP A 242 7.02 0.22 -39.53
CA ASP A 242 6.35 0.16 -40.83
C ASP A 242 6.91 1.14 -41.85
N PHE A 243 7.98 1.88 -41.56
CA PHE A 243 8.60 2.71 -42.57
C PHE A 243 9.25 1.85 -43.65
N ASN A 244 9.49 2.46 -44.80
CA ASN A 244 10.40 1.87 -45.77
C ASN A 244 11.82 1.95 -45.22
N ARG A 245 12.55 0.86 -45.34
CA ARG A 245 13.84 0.74 -44.66
C ARG A 245 14.94 1.43 -45.46
N VAL A 246 15.63 2.36 -44.80
CA VAL A 246 16.77 3.07 -45.36
C VAL A 246 17.98 2.79 -44.49
N LEU A 247 19.18 2.88 -45.09
CA LEU A 247 20.40 2.58 -44.35
C LEU A 247 20.67 3.60 -43.25
N GLY A 248 20.22 4.84 -43.42
CA GLY A 248 20.41 5.81 -42.36
C GLY A 248 19.38 5.79 -41.26
N GLU A 249 18.45 4.84 -41.31
CA GLU A 249 17.31 4.84 -40.39
C GLU A 249 17.77 4.67 -38.95
N ASN A 250 17.30 5.56 -38.09
CA ASN A 250 17.47 5.42 -36.65
C ASN A 250 16.24 4.75 -36.06
N ALA A 252 13.50 4.64 -33.48
CA ALA A 252 12.76 5.52 -32.56
C ALA A 252 12.09 4.65 -31.51
N LEU A 253 12.73 4.53 -30.35
CA LEU A 253 12.22 3.66 -29.31
C LEU A 253 11.10 4.36 -28.52
N ASN A 254 10.22 3.54 -27.95
CA ASN A 254 9.15 4.03 -27.08
C ASN A 254 9.66 3.91 -25.64
N LEU A 255 10.43 4.90 -25.24
CA LEU A 255 11.13 4.88 -23.96
C LEU A 255 10.21 5.29 -22.82
N PHE A 256 10.38 4.64 -21.67
CA PHE A 256 9.58 5.01 -20.49
C PHE A 256 10.00 6.34 -19.91
N THR A 257 11.24 6.78 -20.15
CA THR A 257 11.62 8.13 -19.78
C THR A 257 10.85 9.18 -20.58
N GLU A 258 10.35 8.81 -21.76
CA GLU A 258 9.52 9.70 -22.55
C GLU A 258 8.06 9.71 -22.12
N ILE A 259 7.65 8.76 -21.28
CA ILE A 259 6.24 8.68 -20.87
C ILE A 259 5.98 9.83 -19.90
N GLN A 260 5.12 10.76 -20.30
CA GLN A 260 4.84 11.93 -19.47
C GLN A 260 3.94 11.55 -18.30
N ASP A 261 4.18 12.19 -17.16
CA ASP A 261 3.46 11.90 -15.93
C ASP A 261 2.83 13.18 -15.41
N ALA A 262 1.50 13.20 -15.34
CA ALA A 262 0.81 14.30 -14.68
C ALA A 262 1.09 14.25 -13.18
N GLY A 263 1.52 15.39 -12.63
CA GLY A 263 1.91 15.44 -11.24
C GLY A 263 0.77 15.39 -10.25
N PHE A 264 -0.04 14.33 -10.31
CA PHE A 264 -1.14 14.18 -9.36
C PHE A 264 -0.59 13.93 -7.97
N ILE A 265 -1.09 14.69 -7.00
CA ILE A 265 -0.67 14.51 -5.61
C ILE A 265 -1.76 13.76 -4.87
N GLU A 266 -1.34 12.95 -3.89
CA GLU A 266 -2.22 12.06 -3.16
C GLU A 266 -2.18 12.42 -1.68
N VAL A 267 -3.35 12.69 -1.10
CA VAL A 267 -3.48 13.10 0.29
C VAL A 267 -4.24 12.00 1.02
N THR A 268 -3.51 11.21 1.80
CA THR A 268 -4.13 10.12 2.56
C THR A 268 -4.63 10.62 3.91
N SER B 1 8.50 10.96 -15.13
CA SER B 1 8.73 12.15 -15.94
C SER B 1 7.76 13.27 -15.55
N GLU B 2 7.49 14.16 -16.51
CA GLU B 2 6.57 15.28 -16.25
C GLU B 2 5.89 15.77 -17.53
N ASN B 4 4.14 17.64 -20.60
CA ASN B 4 4.51 18.70 -21.55
C ASN B 4 3.27 19.36 -22.12
N ASP B 5 2.10 18.92 -21.68
CA ASP B 5 0.86 19.46 -22.20
C ASP B 5 0.73 20.93 -21.79
N PRO B 6 0.25 21.80 -22.69
CA PRO B 6 0.19 23.23 -22.34
C PRO B 6 -0.69 23.54 -21.15
N PHE B 7 -1.64 22.66 -20.81
CA PHE B 7 -2.51 22.94 -19.68
C PHE B 7 -1.83 22.65 -18.35
N VAL B 8 -1.03 21.58 -18.28
CA VAL B 8 -0.38 21.23 -17.02
C VAL B 8 0.80 22.15 -16.76
N VAL B 9 1.54 22.51 -17.79
CA VAL B 9 2.68 23.40 -17.62
C VAL B 9 2.23 24.77 -17.14
N ALA B 10 1.07 25.24 -17.62
CA ALA B 10 0.57 26.52 -17.17
C ALA B 10 0.24 26.51 -15.68
N LEU B 11 -0.20 25.36 -15.16
CA LEU B 11 -0.49 25.25 -13.73
C LEU B 11 0.78 25.12 -12.90
N LYS B 12 1.77 24.38 -13.41
CA LYS B 12 3.02 24.20 -12.66
C LYS B 12 3.77 25.51 -12.50
N ASP B 13 3.79 26.35 -13.54
CA ASP B 13 4.53 27.60 -13.50
C ASP B 13 3.94 28.59 -12.50
N LYS B 14 2.66 28.46 -12.18
CA LYS B 14 2.04 29.25 -11.13
C LYS B 14 2.03 28.53 -9.79
N GLY B 15 2.81 27.45 -9.66
CA GLY B 15 2.97 26.78 -8.38
C GLY B 15 1.90 25.77 -8.03
N TYR B 16 1.09 25.35 -8.99
CA TYR B 16 -0.05 24.47 -8.72
C TYR B 16 0.28 23.04 -9.12
N SER B 17 -0.05 22.10 -8.23
CA SER B 17 0.05 20.68 -8.49
C SER B 17 -1.35 20.09 -8.62
N LEU B 18 -1.53 19.22 -9.60
CA LEU B 18 -2.81 18.56 -9.80
C LEU B 18 -3.10 17.60 -8.64
N VAL B 19 -4.39 17.46 -8.32
CA VAL B 19 -4.84 16.69 -7.19
C VAL B 19 -5.74 15.57 -7.68
N ALA B 20 -5.46 14.34 -7.25
CA ALA B 20 -6.35 13.23 -7.54
C ALA B 20 -7.71 13.48 -6.90
N TYR B 21 -8.71 12.73 -7.35
CA TYR B 21 -10.07 12.91 -6.88
C TYR B 21 -10.10 12.84 -5.35
N PRO B 22 -10.53 13.90 -4.68
CA PRO B 22 -10.29 14.00 -3.23
C PRO B 22 -11.38 13.36 -2.37
N LYS B 23 -11.00 12.31 -1.64
CA LYS B 23 -11.85 11.84 -0.55
C LYS B 23 -11.76 12.76 0.66
N THR B 24 -10.66 13.48 0.79
CA THR B 24 -10.30 14.21 2.00
C THR B 24 -10.81 15.64 2.02
N SER B 25 -10.97 16.25 0.84
CA SER B 25 -11.36 17.65 0.69
C SER B 25 -10.30 18.57 1.30
N ILE B 26 -9.33 18.96 0.48
CA ILE B 26 -8.26 19.86 0.93
C ILE B 26 -8.84 21.23 1.23
N ARG B 27 -8.36 21.85 2.31
CA ARG B 27 -8.88 23.13 2.76
C ARG B 27 -7.79 24.21 2.74
N PRO B 28 -8.17 25.48 2.55
CA PRO B 28 -7.16 26.54 2.47
C PRO B 28 -6.49 26.80 3.81
N LEU B 29 -5.20 27.12 3.75
CA LEU B 29 -4.39 27.50 4.92
C LEU B 29 -4.27 26.37 5.93
N HIS B 30 -4.31 25.12 5.47
CA HIS B 30 -4.08 23.97 6.33
C HIS B 30 -2.70 23.38 6.08
N ILE B 31 -2.24 22.56 7.02
CA ILE B 31 -0.90 22.01 7.01
C ILE B 31 -0.95 20.59 6.49
N TYR B 32 -0.08 20.26 5.53
CA TYR B 32 0.01 18.92 4.96
C TYR B 32 1.47 18.49 4.94
N GLU B 33 1.71 17.25 5.36
CA GLU B 33 3.06 16.73 5.53
C GLU B 33 3.43 15.84 4.35
N HIS B 34 4.45 16.26 3.61
CA HIS B 34 4.98 15.45 2.51
C HIS B 34 5.76 14.27 3.06
N THR B 35 5.46 13.07 2.56
CA THR B 35 6.13 11.86 3.00
C THR B 35 7.05 11.30 1.92
N ILE B 36 6.51 10.94 0.76
CA ILE B 36 7.30 10.34 -0.32
C ILE B 36 6.53 10.51 -1.62
N LYS B 37 7.27 10.57 -2.72
CA LYS B 37 6.71 10.71 -4.08
C LYS B 37 5.82 11.95 -4.09
N ASN B 38 4.62 11.89 -4.66
CA ASN B 38 3.63 12.96 -4.59
C ASN B 38 2.56 12.68 -3.55
N ALA B 39 2.90 11.93 -2.49
CA ALA B 39 1.94 11.57 -1.45
C ALA B 39 2.04 12.52 -0.28
N PHE B 40 0.89 12.85 0.31
CA PHE B 40 0.81 13.77 1.43
C PHE B 40 -0.03 13.16 2.55
N LYS B 41 0.34 13.50 3.78
CA LYS B 41 -0.37 13.05 4.98
C LYS B 41 -0.98 14.26 5.67
N ARG B 42 -2.28 14.18 5.95
CA ARG B 42 -2.96 15.27 6.62
C ARG B 42 -2.60 15.32 8.10
N ILE B 43 -2.52 16.54 8.63
CA ILE B 43 -2.06 16.80 9.99
C ILE B 43 -3.25 17.24 10.83
N TRP B 44 -3.42 16.59 11.98
CA TRP B 44 -4.46 16.94 12.94
C TRP B 44 -3.81 17.48 14.21
N ILE B 45 -4.28 18.65 14.64
CA ILE B 45 -3.67 19.34 15.77
C ILE B 45 -4.71 19.50 16.87
N GLN B 46 -4.32 20.13 17.97
CA GLN B 46 -5.26 20.68 18.95
C GLN B 46 -5.97 19.52 19.65
N SER B 47 -7.31 19.42 19.57
CA SER B 47 -8.23 18.75 20.52
C SER B 47 -8.57 19.74 21.63
N GLU B 48 -7.94 20.90 21.64
CA GLU B 48 -8.13 21.94 22.65
C GLU B 48 -9.04 23.04 22.12
N ALA B 49 -9.77 23.67 23.04
CA ALA B 49 -10.64 24.82 22.81
C ALA B 49 -11.80 24.54 21.85
N GLN B 50 -12.09 23.25 21.55
CA GLN B 50 -13.31 22.69 20.94
C GLN B 50 -13.25 22.34 19.45
N PRO B 51 -12.23 22.76 18.66
CA PRO B 51 -12.04 22.13 17.35
C PRO B 51 -10.66 21.52 17.15
N THR B 52 -10.54 20.57 16.21
CA THR B 52 -9.26 20.03 15.78
C THR B 52 -9.19 20.10 14.27
N SER B 53 -8.00 20.39 13.75
CA SER B 53 -7.78 20.44 12.31
C SER B 53 -6.31 20.70 12.02
N GLY B 54 -6.00 21.04 10.77
CA GLY B 54 -4.66 21.40 10.40
C GLY B 54 -4.50 22.87 10.03
N PHE B 55 -5.46 23.71 10.43
CA PHE B 55 -5.35 25.14 10.25
C PHE B 55 -4.04 25.66 10.82
N ILE B 56 -3.33 26.48 10.02
CA ILE B 56 -1.99 26.92 10.43
C ILE B 56 -2.05 27.74 11.71
N LYS B 57 -3.19 28.38 11.98
CA LYS B 57 -3.36 29.08 13.25
C LYS B 57 -3.43 28.12 14.42
N SER B 58 -3.95 26.91 14.20
CA SER B 58 -4.03 25.91 15.26
C SER B 58 -2.66 25.42 15.71
N LEU B 59 -1.60 25.69 14.95
CA LEU B 59 -0.25 25.34 15.37
C LEU B 59 0.24 26.21 16.52
N PHE B 60 -0.31 27.39 16.69
CA PHE B 60 0.23 28.35 17.65
C PHE B 60 -0.52 28.33 18.97
N ILE B 68 -4.51 35.96 8.52
CA ILE B 68 -3.96 36.10 7.18
C ILE B 68 -5.06 36.45 6.17
N GLY B 69 -4.72 37.30 5.20
CA GLY B 69 -5.65 37.67 4.16
C GLY B 69 -6.05 36.48 3.32
N LEU B 70 -7.36 36.29 3.15
CA LEU B 70 -7.93 35.21 2.36
C LEU B 70 -8.97 35.80 1.43
N SER B 71 -9.03 35.28 0.20
CA SER B 71 -9.96 35.84 -0.78
C SER B 71 -10.30 34.78 -1.82
N ASP B 72 -11.60 34.57 -2.03
CA ASP B 72 -12.07 33.84 -3.19
C ASP B 72 -11.98 34.74 -4.43
N GLY B 73 -12.31 34.17 -5.59
CA GLY B 73 -12.30 34.98 -6.79
C GLY B 73 -12.30 34.11 -8.03
N GLN B 74 -12.22 34.79 -9.17
CA GLN B 74 -12.19 34.09 -10.45
C GLN B 74 -10.76 33.74 -10.81
N GLY B 75 -10.61 32.66 -11.58
CA GLY B 75 -9.30 32.22 -12.01
C GLY B 75 -8.88 32.85 -13.31
N ILE B 76 -8.77 34.18 -13.33
CA ILE B 76 -8.53 34.87 -14.59
C ILE B 76 -7.04 34.92 -14.94
N ASP B 77 -6.16 34.89 -13.93
CA ASP B 77 -4.74 34.90 -14.23
C ASP B 77 -4.29 33.57 -14.82
N ILE B 78 -4.96 32.48 -14.45
CA ILE B 78 -4.76 31.19 -15.12
C ILE B 78 -5.67 31.18 -16.35
N ASP B 79 -5.07 31.16 -17.53
CA ASP B 79 -5.80 31.43 -18.76
C ASP B 79 -6.13 30.20 -19.58
N LEU B 80 -5.25 29.21 -19.60
CA LEU B 80 -5.44 28.04 -20.45
C LEU B 80 -6.40 27.07 -19.78
N ARG B 81 -7.51 26.76 -20.46
CA ARG B 81 -8.57 25.95 -19.90
C ARG B 81 -8.73 24.59 -20.58
N LYS B 82 -7.94 24.31 -21.61
CA LYS B 82 -8.10 23.10 -22.40
C LYS B 82 -6.74 22.45 -22.62
N THR B 83 -6.72 21.11 -22.61
CA THR B 83 -5.51 20.38 -22.93
C THR B 83 -5.41 20.20 -24.44
N ASN B 84 -4.31 19.59 -24.88
CA ASN B 84 -4.18 19.22 -26.28
C ASN B 84 -4.91 17.92 -26.55
N SER B 85 -4.83 17.46 -27.79
CA SER B 85 -5.44 16.20 -28.19
C SER B 85 -4.59 15.05 -27.67
N LEU B 86 -5.17 14.23 -26.81
CA LEU B 86 -4.46 13.13 -26.17
C LEU B 86 -4.97 11.80 -26.68
N SER B 87 -4.07 10.82 -26.75
CA SER B 87 -4.42 9.50 -27.21
C SER B 87 -5.37 8.82 -26.23
N SER B 88 -6.03 7.76 -26.70
CA SER B 88 -6.88 6.96 -25.83
C SER B 88 -6.07 6.36 -24.69
N ALA B 89 -4.87 5.89 -24.97
CA ALA B 89 -4.04 5.28 -23.94
C ALA B 89 -3.65 6.30 -22.88
N VAL B 90 -3.15 7.47 -23.31
CA VAL B 90 -2.76 8.50 -22.35
C VAL B 90 -3.96 8.94 -21.53
N ALA B 91 -5.07 9.26 -22.20
CA ALA B 91 -6.25 9.74 -21.49
C ALA B 91 -6.80 8.67 -20.54
N ALA B 92 -6.70 7.40 -20.93
CA ALA B 92 -7.14 6.34 -20.03
C ALA B 92 -6.24 6.27 -18.80
N LYS B 93 -4.92 6.33 -19.01
CA LYS B 93 -4.00 6.32 -17.88
C LYS B 93 -4.13 7.58 -17.04
N ILE B 94 -4.48 8.70 -17.66
CA ILE B 94 -4.74 9.92 -16.90
C ILE B 94 -5.88 9.71 -15.93
N LEU B 95 -6.96 9.05 -16.37
CA LEU B 95 -8.07 8.76 -15.49
C LEU B 95 -7.74 7.67 -14.49
N GLU B 96 -6.78 6.80 -14.81
CA GLU B 96 -6.36 5.76 -13.87
C GLU B 96 -5.73 6.37 -12.63
N SER B 97 -4.75 7.26 -12.83
CA SER B 97 -4.10 7.92 -11.69
C SER B 97 -5.09 8.77 -10.92
N TYR B 98 -6.00 9.45 -11.63
CA TYR B 98 -6.85 10.43 -10.98
C TYR B 98 -7.86 9.77 -10.05
N PHE B 99 -8.51 8.70 -10.51
CA PHE B 99 -9.60 8.12 -9.74
C PHE B 99 -9.14 7.04 -8.77
N GLN B 100 -8.02 6.36 -9.03
CA GLN B 100 -7.39 5.42 -8.11
C GLN B 100 -8.36 4.50 -7.36
N PHE B 106 -11.91 1.78 -18.00
CA PHE B 106 -11.11 2.55 -18.94
C PHE B 106 -10.29 1.65 -19.86
N ASP B 107 -10.39 0.33 -19.63
CA ASP B 107 -9.54 -0.63 -20.34
C ASP B 107 -9.67 -0.47 -21.85
N LEU B 108 -10.90 -0.41 -22.35
CA LEU B 108 -11.13 -0.21 -23.77
C LEU B 108 -12.50 0.41 -23.98
N ALA B 109 -12.91 1.28 -23.07
CA ALA B 109 -14.10 2.09 -23.29
C ALA B 109 -13.85 3.21 -24.28
N PHE B 110 -12.59 3.49 -24.59
CA PHE B 110 -12.20 4.49 -25.57
C PHE B 110 -11.69 3.82 -26.84
N GLU B 111 -12.30 2.68 -27.19
CA GLU B 111 -11.87 1.95 -28.37
C GLU B 111 -12.13 2.74 -29.64
N ASN B 112 -13.28 3.40 -29.72
CA ASN B 112 -13.63 4.24 -30.86
C ASN B 112 -13.17 5.69 -30.67
N SER B 113 -12.17 5.91 -29.82
CA SER B 113 -11.65 7.24 -29.53
C SER B 113 -10.26 7.36 -30.14
N SER B 114 -10.12 8.24 -31.14
CA SER B 114 -8.81 8.49 -31.73
C SER B 114 -8.01 9.49 -30.90
N SER B 115 -8.66 10.54 -30.41
CA SER B 115 -8.02 11.56 -29.59
C SER B 115 -8.99 12.04 -28.53
N VAL B 116 -8.43 12.48 -27.40
CA VAL B 116 -9.21 12.99 -26.27
C VAL B 116 -8.66 14.35 -25.87
N ILE B 117 -9.56 15.26 -25.53
CA ILE B 117 -9.20 16.59 -25.04
C ILE B 117 -9.94 16.83 -23.74
N PHE B 118 -9.20 17.17 -22.68
CA PHE B 118 -9.82 17.56 -21.43
C PHE B 118 -10.15 19.05 -21.45
N HIS B 119 -11.29 19.40 -20.86
CA HIS B 119 -11.72 20.79 -20.78
C HIS B 119 -12.35 21.05 -19.42
N ILE B 120 -11.83 22.04 -18.69
CA ILE B 120 -12.39 22.47 -17.42
C ILE B 120 -12.90 23.89 -17.61
N GLU B 121 -14.22 24.06 -17.52
CA GLU B 121 -14.82 25.25 -18.09
C GLU B 121 -14.77 26.42 -17.12
N GLU B 122 -15.21 26.21 -15.89
CA GLU B 122 -15.32 27.25 -14.88
C GLU B 122 -14.41 26.92 -13.71
N ILE B 123 -13.61 27.90 -13.29
CA ILE B 123 -12.59 27.73 -12.26
C ILE B 123 -12.92 28.67 -11.11
N ILE B 124 -13.21 28.10 -9.95
CA ILE B 124 -13.39 28.85 -8.72
C ILE B 124 -12.10 28.69 -7.91
N THR B 125 -11.38 29.78 -7.71
CA THR B 125 -10.09 29.76 -7.03
C THR B 125 -10.20 30.46 -5.68
N THR B 126 -9.53 29.89 -4.68
CA THR B 126 -9.46 30.44 -3.33
C THR B 126 -8.00 30.73 -3.01
N ASP B 127 -7.66 32.00 -2.84
CA ASP B 127 -6.28 32.44 -2.69
C ASP B 127 -6.09 33.08 -1.32
N ALA B 128 -5.15 32.55 -0.54
CA ALA B 128 -4.70 33.18 0.68
C ALA B 128 -3.48 34.04 0.37
N ASP B 129 -3.50 35.29 0.83
CA ASP B 129 -2.42 36.22 0.52
C ASP B 129 -1.09 35.69 1.06
N GLU B 130 -0.18 35.37 0.15
CA GLU B 130 1.08 34.74 0.54
C GLU B 130 2.00 35.73 1.26
N ILE B 131 1.88 37.04 0.99
CA ILE B 131 2.70 38.02 1.69
C ILE B 131 2.21 38.18 3.12
N SER B 132 0.90 38.33 3.30
CA SER B 132 0.33 38.41 4.64
C SER B 132 0.66 37.17 5.46
N LEU B 133 0.71 36.01 4.79
CA LEU B 133 1.03 34.77 5.50
C LEU B 133 2.43 34.83 6.11
N ARG B 134 3.39 35.39 5.38
CA ARG B 134 4.76 35.44 5.89
C ARG B 134 4.87 36.33 7.12
N ASN B 135 4.40 37.58 7.02
CA ASN B 135 4.53 38.49 8.16
C ASN B 135 3.69 38.02 9.35
N TRP B 136 2.52 37.44 9.08
CA TRP B 136 1.72 36.88 10.18
C TRP B 136 2.47 35.76 10.89
N LEU B 137 3.11 34.87 10.13
CA LEU B 137 3.98 33.87 10.74
C LEU B 137 5.11 34.53 11.51
N ASN B 138 5.75 35.53 10.91
CA ASN B 138 6.90 36.18 11.55
C ASN B 138 6.48 36.89 12.83
N ASP B 139 5.29 37.51 12.84
CA ASP B 139 4.84 38.25 14.01
C ASP B 139 4.47 37.34 15.17
N ASN B 140 4.10 36.08 14.89
CA ASN B 140 3.66 35.15 15.92
C ASN B 140 4.60 33.96 16.05
N GLN B 141 5.88 34.13 15.71
CA GLN B 141 6.81 33.01 15.75
C GLN B 141 6.99 32.49 17.17
N ASN B 142 7.17 33.40 18.12
CA ASN B 142 7.37 32.98 19.50
C ASN B 142 6.09 32.51 20.17
N GLU B 143 4.99 32.45 19.42
CA GLU B 143 3.75 31.82 19.89
C GLU B 143 3.66 30.36 19.49
N LEU B 144 4.49 29.93 18.53
CA LEU B 144 4.47 28.55 18.05
C LEU B 144 4.71 27.57 19.20
N ARG B 145 3.87 26.54 19.26
CA ARG B 145 3.98 25.53 20.31
C ARG B 145 5.30 24.77 20.18
N GLU B 146 5.76 24.24 21.32
CA GLU B 146 7.10 23.65 21.39
C GLU B 146 7.15 22.31 20.68
N ILE B 147 6.12 21.48 20.84
CA ILE B 147 6.15 20.14 20.25
C ILE B 147 6.11 20.20 18.73
N TYR B 148 5.42 21.19 18.16
CA TYR B 148 5.37 21.36 16.71
C TYR B 148 6.53 22.19 16.17
N LYS B 149 7.40 22.71 17.04
CA LYS B 149 8.57 23.42 16.57
C LYS B 149 9.62 22.45 16.02
N GLU B 150 9.91 21.40 16.77
CA GLU B 150 10.85 20.38 16.27
C GLU B 150 10.28 19.68 15.05
N GLU B 151 8.95 19.56 14.96
CA GLU B 151 8.33 18.98 13.78
C GLU B 151 8.66 19.80 12.54
N ILE B 152 8.56 21.13 12.64
CA ILE B 152 8.84 22.00 11.50
C ILE B 152 10.30 21.91 11.09
N LYS B 153 11.20 21.65 12.04
CA LYS B 153 12.63 21.60 11.72
C LYS B 153 12.94 20.51 10.70
N LYS B 154 12.17 19.42 10.69
CA LYS B 154 12.42 18.35 9.72
C LYS B 154 12.15 18.80 8.30
N GLY B 155 11.24 19.77 8.10
CA GLY B 155 11.05 20.37 6.80
C GLY B 155 10.15 19.61 5.86
N ASN B 156 9.14 18.92 6.38
CA ASN B 156 8.21 18.16 5.56
C ASN B 156 6.79 18.71 5.61
N PHE B 157 6.53 19.74 6.41
CA PHE B 157 5.20 20.32 6.49
C PHE B 157 4.99 21.34 5.38
N PHE B 158 3.77 21.36 4.83
CA PHE B 158 3.44 22.22 3.72
C PHE B 158 2.12 22.95 4.01
N VAL B 159 2.03 24.17 3.49
CA VAL B 159 0.84 24.99 3.65
C VAL B 159 0.14 25.10 2.31
N ALA B 160 -1.16 24.83 2.30
CA ALA B 160 -1.99 25.01 1.11
C ALA B 160 -2.42 26.47 1.07
N THR B 161 -1.70 27.28 0.28
CA THR B 161 -1.97 28.71 0.23
C THR B 161 -2.96 29.10 -0.86
N SER B 162 -3.34 28.17 -1.74
CA SER B 162 -4.25 28.49 -2.83
C SER B 162 -4.88 27.20 -3.35
N LEU B 163 -6.15 27.28 -3.73
CA LEU B 163 -6.90 26.14 -4.23
C LEU B 163 -7.55 26.48 -5.56
N LEU B 164 -7.82 25.43 -6.35
CA LEU B 164 -8.60 25.53 -7.58
C LEU B 164 -9.76 24.56 -7.49
N ARG B 165 -10.93 25.00 -7.92
CA ARG B 165 -12.15 24.20 -7.85
C ARG B 165 -12.88 24.22 -9.18
N ALA B 166 -13.73 23.22 -9.37
CA ALA B 166 -14.57 23.11 -10.56
C ALA B 166 -15.70 22.12 -10.32
N ARG B 170 -15.24 18.37 -18.60
CA ARG B 170 -15.72 17.79 -19.85
C ARG B 170 -14.57 17.12 -20.59
N GLN B 172 -13.70 15.42 -24.53
CA GLN B 172 -14.13 15.32 -25.92
C GLN B 172 -13.38 14.18 -26.60
N PHE B 173 -14.11 13.14 -26.97
CA PHE B 173 -13.58 12.02 -27.74
C PHE B 173 -14.03 12.16 -29.18
N GLU B 174 -13.09 12.08 -30.12
CA GLU B 174 -13.40 12.09 -31.54
C GLU B 174 -13.37 10.68 -32.09
N ARG B 175 -14.33 10.35 -32.95
CA ARG B 175 -14.59 8.97 -33.33
C ARG B 175 -13.55 8.44 -34.30
N LYS B 176 -13.08 7.22 -34.03
CA LYS B 176 -12.37 6.47 -35.07
C LYS B 176 -13.32 6.15 -36.22
N ASN B 177 -14.56 5.81 -35.91
CA ASN B 177 -15.60 5.65 -36.91
C ASN B 177 -16.34 6.97 -37.11
N LYS B 178 -17.65 6.90 -37.30
CA LYS B 178 -18.50 8.08 -37.40
C LYS B 178 -19.92 7.71 -36.98
N LEU B 181 -19.93 6.36 -31.76
CA LEU B 181 -19.67 7.07 -30.50
C LEU B 181 -18.22 6.90 -30.09
N GLY B 182 -17.57 8.00 -29.71
CA GLY B 182 -16.17 7.93 -29.33
C GLY B 182 -15.96 7.19 -28.03
N VAL B 183 -16.84 7.40 -27.06
CA VAL B 183 -16.72 6.81 -25.73
C VAL B 183 -17.91 5.90 -25.47
N ASP B 184 -17.62 4.69 -24.98
CA ASP B 184 -18.65 3.75 -24.56
C ASP B 184 -18.76 3.82 -23.04
N VAL B 185 -19.85 4.40 -22.55
CA VAL B 185 -20.08 4.47 -21.11
C VAL B 185 -20.23 3.08 -20.49
N SER B 186 -20.51 2.06 -21.32
CA SER B 186 -20.67 0.71 -20.80
C SER B 186 -19.42 0.25 -20.06
N LYS B 187 -18.24 0.47 -20.64
CA LYS B 187 -17.00 -0.02 -20.06
C LYS B 187 -16.28 1.04 -19.24
N ILE B 188 -17.02 1.91 -18.56
CA ILE B 188 -16.45 2.55 -17.39
C ILE B 188 -16.14 1.46 -16.39
N LYS B 189 -14.88 1.39 -15.95
CA LYS B 189 -14.51 0.35 -14.97
C LYS B 189 -15.33 0.51 -13.71
N ASN B 190 -15.44 1.74 -13.21
CA ASN B 190 -16.21 2.14 -12.04
C ASN B 190 -15.92 3.61 -11.83
N LEU B 191 -16.95 4.41 -11.50
CA LEU B 191 -16.72 5.84 -11.41
C LEU B 191 -17.41 6.45 -10.19
N PRO B 192 -16.65 7.12 -9.32
CA PRO B 192 -17.25 7.79 -8.16
C PRO B 192 -18.06 9.02 -8.51
N VAL B 193 -18.08 9.43 -9.79
CA VAL B 193 -18.84 10.59 -10.23
C VAL B 193 -19.63 10.19 -11.47
N ASP B 194 -20.91 10.58 -11.51
CA ASP B 194 -21.76 10.22 -12.64
C ASP B 194 -21.43 11.06 -13.86
N ALA B 195 -21.64 10.48 -15.03
CA ALA B 195 -21.26 11.09 -16.29
C ALA B 195 -22.45 11.10 -17.25
N LYS B 196 -22.54 12.17 -18.05
CA LYS B 196 -23.57 12.25 -19.07
C LYS B 196 -22.94 12.81 -20.34
N LEU B 197 -23.57 12.51 -21.47
CA LEU B 197 -23.11 12.93 -22.78
C LEU B 197 -24.11 13.92 -23.37
N GLU B 198 -23.65 15.15 -23.62
CA GLU B 198 -24.53 16.17 -24.18
C GLU B 198 -24.67 15.99 -25.69
N SER B 199 -25.85 16.35 -26.20
CA SER B 199 -26.21 16.12 -27.59
C SER B 199 -25.28 16.85 -28.56
N SER B 204 -20.46 17.20 -34.31
CA SER B 204 -20.61 16.34 -35.48
C SER B 204 -19.51 15.28 -35.53
N THR B 205 -18.27 15.69 -35.26
CA THR B 205 -17.12 14.80 -35.36
C THR B 205 -16.70 14.23 -34.01
N TYR B 206 -17.37 14.59 -32.92
CA TYR B 206 -16.95 14.15 -31.59
C TYR B 206 -18.16 14.03 -30.69
N ASP B 207 -17.94 13.37 -29.55
CA ASP B 207 -18.89 13.31 -28.45
C ASP B 207 -18.21 13.87 -27.20
N ARG B 208 -19.02 14.18 -26.18
CA ARG B 208 -18.52 14.83 -24.99
C ARG B 208 -19.19 14.29 -23.74
N LEU B 209 -18.38 13.86 -22.78
CA LEU B 209 -18.85 13.46 -21.46
C LEU B 209 -18.72 14.64 -20.51
N VAL B 210 -19.70 14.79 -19.62
CA VAL B 210 -19.73 15.86 -18.65
C VAL B 210 -19.81 15.24 -17.27
N PHE B 211 -18.84 15.56 -16.42
CA PHE B 211 -18.76 15.03 -15.06
C PHE B 211 -19.33 16.05 -14.07
N GLU B 212 -20.06 15.55 -13.08
CA GLU B 212 -20.63 16.41 -12.05
C GLU B 212 -19.87 16.30 -10.74
N GLY B 217 -18.99 20.75 -6.79
CA GLY B 217 -17.71 21.37 -6.51
C GLY B 217 -16.61 20.36 -6.21
N ILE B 218 -15.55 20.40 -7.01
CA ILE B 218 -14.46 19.43 -6.93
C ILE B 218 -13.13 20.17 -6.96
N VAL B 219 -12.27 19.88 -6.00
CA VAL B 219 -10.92 20.43 -5.96
C VAL B 219 -10.02 19.62 -6.89
N PHE B 220 -9.32 20.31 -7.79
CA PHE B 220 -8.38 19.65 -8.69
C PHE B 220 -6.99 20.26 -8.68
N GLY B 221 -6.77 21.38 -8.00
CA GLY B 221 -5.45 21.99 -7.94
C GLY B 221 -5.15 22.63 -6.61
N VAL B 222 -3.91 22.47 -6.14
CA VAL B 222 -3.45 23.07 -4.89
C VAL B 222 -2.07 23.66 -5.11
N LYS B 223 -1.79 24.78 -4.45
CA LYS B 223 -0.46 25.38 -4.41
C LYS B 223 0.10 25.21 -3.01
N LEU B 224 1.18 24.44 -2.89
CA LEU B 224 1.73 24.06 -1.60
C LEU B 224 3.09 24.72 -1.39
N VAL B 225 3.25 25.39 -0.25
CA VAL B 225 4.49 26.07 0.10
C VAL B 225 5.02 25.45 1.39
N ARG B 226 6.34 25.30 1.47
CA ARG B 226 6.94 24.70 2.65
C ARG B 226 6.93 25.69 3.83
N LEU B 227 6.97 25.14 5.03
CA LEU B 227 6.88 25.91 6.27
C LEU B 227 8.15 25.75 7.09
N PHE B 228 9.30 26.15 6.55
CA PHE B 228 10.57 25.85 7.17
C PHE B 228 11.03 26.98 8.11
N PHE B 229 12.17 26.75 8.77
CA PHE B 229 12.88 27.78 9.49
C PHE B 229 14.05 28.28 8.64
N SER B 230 14.32 29.57 8.70
CA SER B 230 15.44 30.13 7.96
C SER B 230 16.74 29.87 8.71
N ASP B 231 17.86 30.25 8.09
CA ASP B 231 19.17 30.00 8.70
C ASP B 231 19.37 30.73 10.02
N ASN B 232 18.58 31.75 10.31
CA ASN B 232 18.56 32.37 11.63
C ASN B 232 17.46 31.81 12.51
N GLY B 233 16.73 30.79 12.05
CA GLY B 233 15.68 30.20 12.86
C GLY B 233 14.36 30.95 12.83
N ILE B 234 14.07 31.66 11.75
CA ILE B 234 12.81 32.40 11.62
C ILE B 234 11.78 31.51 10.96
N LEU B 235 10.55 31.56 11.47
CA LEU B 235 9.43 30.86 10.85
C LEU B 235 8.97 31.65 9.63
N THR B 236 9.04 31.03 8.45
CA THR B 236 8.74 31.73 7.20
C THR B 236 8.35 30.72 6.13
N ILE B 237 7.86 31.27 5.02
CA ILE B 237 7.63 30.55 3.78
C ILE B 237 8.52 31.06 2.66
N ASP B 238 9.27 32.14 2.91
CA ASP B 238 10.08 32.80 1.91
C ASP B 238 11.54 32.41 2.10
N LYS B 239 12.12 31.80 1.07
CA LYS B 239 13.54 31.46 1.09
C LYS B 239 14.43 32.69 1.07
N LYS B 240 13.88 33.90 0.89
CA LYS B 240 14.63 35.14 0.97
C LYS B 240 14.28 35.94 2.23
N GLN B 241 13.78 35.26 3.27
CA GLN B 241 13.44 35.93 4.52
C GLN B 241 14.65 36.61 5.14
N ASP B 242 15.84 36.03 4.98
CA ASP B 242 17.05 36.63 5.51
C ASP B 242 17.64 37.63 4.53
N ALA B 252 11.05 34.37 -2.80
CA ALA B 252 11.35 33.05 -3.34
C ALA B 252 10.65 32.02 -2.46
N LEU B 253 9.45 31.62 -2.87
CA LEU B 253 8.70 30.63 -2.10
C LEU B 253 9.29 29.25 -2.28
N ASN B 254 9.10 28.41 -1.26
CA ASN B 254 9.52 27.02 -1.32
C ASN B 254 8.34 26.21 -1.84
N LEU B 255 8.23 26.13 -3.17
CA LEU B 255 7.09 25.50 -3.82
C LEU B 255 7.33 24.00 -3.99
N PHE B 256 6.29 23.21 -3.73
CA PHE B 256 6.39 21.76 -3.94
C PHE B 256 6.58 21.41 -5.41
N THR B 257 6.05 22.22 -6.32
CA THR B 257 6.29 22.02 -7.74
C THR B 257 7.76 22.15 -8.10
N GLU B 258 8.50 22.98 -7.38
CA GLU B 258 9.93 23.14 -7.64
C GLU B 258 10.75 21.96 -7.12
N ILE B 259 10.15 21.10 -6.29
CA ILE B 259 10.90 20.02 -5.68
C ILE B 259 11.29 19.01 -6.76
N GLN B 260 12.57 18.68 -6.82
CA GLN B 260 13.09 17.72 -7.79
C GLN B 260 12.92 16.30 -7.26
N ASP B 261 12.34 15.44 -8.08
CA ASP B 261 12.16 14.03 -7.75
C ASP B 261 12.87 13.18 -8.79
N ALA B 262 13.84 12.39 -8.35
CA ALA B 262 14.44 11.40 -9.24
C ALA B 262 13.42 10.30 -9.51
N GLY B 263 13.26 9.95 -10.78
CA GLY B 263 12.24 8.98 -11.15
C GLY B 263 12.57 7.56 -10.76
N PHE B 264 12.71 7.29 -9.47
CA PHE B 264 12.95 5.93 -9.00
C PHE B 264 11.75 5.06 -9.33
N ILE B 265 11.97 4.06 -10.16
CA ILE B 265 10.91 3.11 -10.49
C ILE B 265 10.94 2.00 -9.46
N GLU B 266 9.77 1.44 -9.18
CA GLU B 266 9.60 0.36 -8.23
C GLU B 266 9.06 -0.86 -8.95
N VAL B 267 9.82 -1.95 -8.95
CA VAL B 267 9.42 -3.21 -9.56
C VAL B 267 9.04 -4.16 -8.43
N THR B 268 7.74 -4.40 -8.26
CA THR B 268 7.25 -5.34 -7.26
C THR B 268 6.72 -6.60 -7.96
N SER C 1 -14.47 -15.89 10.45
CA SER C 1 -13.45 -15.12 11.16
C SER C 1 -12.20 -15.95 11.37
N GLU C 2 -12.30 -16.98 12.20
CA GLU C 2 -11.16 -17.84 12.49
C GLU C 2 -11.27 -19.17 11.74
N ASN C 4 -11.45 -22.77 10.78
CA ASN C 4 -11.91 -23.98 11.47
C ASN C 4 -11.40 -25.26 10.81
N ASP C 5 -10.46 -25.12 9.88
CA ASP C 5 -9.98 -26.29 9.15
C ASP C 5 -8.97 -27.05 10.01
N PRO C 6 -9.10 -28.37 10.13
CA PRO C 6 -8.20 -29.13 11.02
C PRO C 6 -6.73 -28.96 10.68
N PHE C 7 -6.39 -28.68 9.41
CA PHE C 7 -4.99 -28.50 9.06
C PHE C 7 -4.43 -27.21 9.65
N VAL C 8 -5.21 -26.12 9.60
CA VAL C 8 -4.72 -24.84 10.10
C VAL C 8 -4.80 -24.77 11.61
N VAL C 9 -5.80 -25.43 12.21
CA VAL C 9 -5.89 -25.46 13.66
C VAL C 9 -4.72 -26.23 14.26
N ALA C 10 -4.23 -27.27 13.57
CA ALA C 10 -3.07 -27.99 14.07
C ALA C 10 -1.84 -27.12 14.12
N LEU C 11 -1.75 -26.10 13.24
CA LEU C 11 -0.61 -25.20 13.26
C LEU C 11 -0.73 -24.14 14.34
N LYS C 12 -1.94 -23.68 14.63
CA LYS C 12 -2.12 -22.65 15.65
C LYS C 12 -1.85 -23.21 17.05
N ASP C 13 -2.31 -24.44 17.32
CA ASP C 13 -2.06 -25.04 18.63
C ASP C 13 -0.58 -25.32 18.85
N LYS C 14 0.19 -25.50 17.78
CA LYS C 14 1.63 -25.64 17.89
C LYS C 14 2.34 -24.31 17.73
N GLY C 15 1.60 -23.20 17.63
CA GLY C 15 2.18 -21.88 17.65
C GLY C 15 2.57 -21.31 16.32
N TYR C 16 2.02 -21.83 15.21
CA TYR C 16 2.40 -21.39 13.88
C TYR C 16 1.31 -20.53 13.25
N SER C 17 1.74 -19.61 12.41
CA SER C 17 0.83 -18.75 11.64
C SER C 17 1.25 -18.81 10.17
N LEU C 18 0.28 -18.98 9.29
CA LEU C 18 0.57 -19.10 7.87
C LEU C 18 1.16 -17.80 7.33
N VAL C 19 2.03 -17.93 6.33
CA VAL C 19 2.74 -16.81 5.74
C VAL C 19 2.41 -16.74 4.26
N ALA C 20 2.13 -15.53 3.77
CA ALA C 20 1.94 -15.32 2.34
C ALA C 20 3.26 -15.57 1.59
N TYR C 21 3.14 -15.64 0.27
CA TYR C 21 4.31 -15.85 -0.58
C TYR C 21 5.31 -14.71 -0.35
N PRO C 22 6.51 -14.99 0.15
CA PRO C 22 7.34 -13.93 0.73
C PRO C 22 7.95 -13.01 -0.31
N LYS C 23 8.00 -11.71 0.03
CA LYS C 23 8.72 -10.73 -0.76
C LYS C 23 10.12 -10.46 -0.22
N THR C 24 10.30 -10.59 1.09
CA THR C 24 11.51 -10.13 1.75
C THR C 24 12.42 -11.27 2.18
N SER C 25 11.89 -12.49 2.32
CA SER C 25 12.55 -13.68 2.84
C SER C 25 12.62 -13.65 4.37
N ILE C 26 12.52 -14.83 4.99
CA ILE C 26 12.41 -14.95 6.44
C ILE C 26 13.53 -15.85 6.94
N ARG C 27 14.31 -15.35 7.91
CA ARG C 27 15.42 -16.10 8.48
C ARG C 27 15.14 -16.42 9.95
N PRO C 28 15.59 -17.58 10.43
CA PRO C 28 15.35 -17.94 11.83
C PRO C 28 16.17 -17.11 12.80
N LEU C 29 15.56 -16.79 13.95
CA LEU C 29 16.15 -15.95 14.98
C LEU C 29 16.41 -14.53 14.48
N HIS C 30 15.58 -14.05 13.55
CA HIS C 30 15.63 -12.67 13.09
C HIS C 30 14.45 -11.88 13.65
N ILE C 31 14.62 -10.56 13.69
CA ILE C 31 13.64 -9.67 14.29
C ILE C 31 12.66 -9.20 13.23
N TYR C 32 11.38 -9.20 13.59
CA TYR C 32 10.32 -8.70 12.70
C TYR C 32 9.35 -7.88 13.53
N GLU C 33 9.13 -6.63 13.13
CA GLU C 33 8.33 -5.68 13.89
C GLU C 33 6.89 -5.74 13.41
N HIS C 34 6.00 -6.29 14.25
CA HIS C 34 4.57 -6.21 13.99
C HIS C 34 4.13 -4.77 13.99
N THR C 35 3.51 -4.34 12.90
CA THR C 35 3.00 -2.97 12.79
C THR C 35 1.49 -2.89 12.99
N ILE C 36 0.72 -3.68 12.24
CA ILE C 36 -0.74 -3.60 12.30
C ILE C 36 -1.30 -4.84 11.63
N LYS C 37 -2.54 -5.19 11.98
CA LYS C 37 -3.22 -6.35 11.42
C LYS C 37 -2.35 -7.59 11.52
N ASN C 38 -2.01 -8.21 10.39
CA ASN C 38 -1.05 -9.30 10.34
C ASN C 38 0.20 -8.91 9.55
N ALA C 39 0.52 -7.63 9.52
CA ALA C 39 1.63 -7.11 8.73
C ALA C 39 2.85 -6.85 9.61
N PHE C 40 4.00 -7.29 9.14
CA PHE C 40 5.27 -7.10 9.81
C PHE C 40 6.22 -6.32 8.91
N LYS C 41 7.29 -5.79 9.50
CA LYS C 41 8.33 -5.10 8.77
C LYS C 41 9.67 -5.69 9.17
N ARG C 42 10.40 -6.24 8.20
CA ARG C 42 11.75 -6.74 8.47
C ARG C 42 12.62 -5.61 8.98
N ILE C 43 13.37 -5.88 10.05
CA ILE C 43 14.21 -4.89 10.70
C ILE C 43 15.66 -5.12 10.32
N TRP C 44 16.36 -4.05 9.95
CA TRP C 44 17.77 -4.09 9.59
C TRP C 44 18.57 -3.41 10.69
N ILE C 45 19.45 -4.17 11.34
CA ILE C 45 20.20 -3.70 12.49
C ILE C 45 21.59 -3.30 12.02
N GLN C 46 21.91 -2.01 12.16
CA GLN C 46 23.27 -1.55 11.97
C GLN C 46 24.18 -2.16 13.04
N SER C 47 25.48 -2.12 12.77
CA SER C 47 26.46 -2.65 13.71
C SER C 47 27.84 -2.15 13.32
N GLU C 48 28.81 -2.44 14.18
CA GLU C 48 30.21 -2.07 13.97
C GLU C 48 31.00 -3.35 13.68
N ALA C 49 31.60 -3.40 12.49
CA ALA C 49 32.34 -4.59 12.02
C ALA C 49 31.43 -5.82 11.96
N GLN C 50 30.16 -5.62 11.63
CA GLN C 50 29.21 -6.71 11.44
C GLN C 50 28.29 -6.37 10.29
N PRO C 51 27.99 -7.33 9.41
CA PRO C 51 27.04 -7.07 8.32
C PRO C 51 25.66 -6.81 8.88
N THR C 52 25.00 -5.78 8.34
CA THR C 52 23.66 -5.43 8.80
C THR C 52 22.70 -6.59 8.55
N SER C 53 21.94 -6.94 9.57
CA SER C 53 21.09 -8.13 9.52
C SER C 53 20.00 -8.01 10.57
N GLY C 54 18.97 -8.82 10.42
CA GLY C 54 17.93 -8.90 11.43
C GLY C 54 18.24 -9.86 12.56
N PHE C 55 19.41 -10.48 12.54
CA PHE C 55 19.81 -11.43 13.57
C PHE C 55 19.66 -10.81 14.95
N ILE C 56 19.06 -11.58 15.87
CA ILE C 56 18.76 -11.04 17.20
C ILE C 56 20.04 -10.66 17.93
N LYS C 57 21.11 -11.42 17.71
CA LYS C 57 22.38 -11.14 18.37
C LYS C 57 22.92 -9.75 18.04
N SER C 58 22.50 -9.17 16.91
CA SER C 58 22.99 -7.85 16.54
C SER C 58 22.34 -6.71 17.32
N LEU C 59 21.29 -6.99 18.09
CA LEU C 59 20.78 -6.00 19.03
C LEU C 59 21.72 -5.75 20.19
N PHE C 60 22.80 -6.52 20.30
CA PHE C 60 23.73 -6.49 21.42
C PHE C 60 25.12 -6.15 20.92
N SER C 61 26.03 -5.91 21.86
CA SER C 61 27.41 -5.59 21.52
C SER C 61 28.19 -6.87 21.24
N ASP C 62 29.47 -6.70 20.89
CA ASP C 62 30.32 -7.86 20.59
C ASP C 62 30.63 -8.69 21.82
N LYS C 63 30.40 -8.15 23.02
CA LYS C 63 30.68 -8.88 24.26
C LYS C 63 29.53 -9.84 24.55
N ILE C 64 29.42 -10.86 23.70
CA ILE C 64 28.43 -11.91 23.81
C ILE C 64 29.12 -13.17 24.31
N HIS C 65 28.48 -13.87 25.24
CA HIS C 65 28.91 -15.20 25.67
C HIS C 65 27.71 -16.12 25.72
N GLY C 66 27.85 -17.31 25.15
CA GLY C 66 26.76 -18.26 25.03
C GLY C 66 26.39 -18.50 23.58
N ALA C 67 25.46 -19.44 23.40
CA ALA C 67 25.03 -19.81 22.06
C ALA C 67 23.60 -20.30 22.10
N ILE C 68 22.86 -19.98 21.02
CA ILE C 68 21.48 -20.43 20.84
C ILE C 68 21.48 -21.52 19.79
N GLY C 69 20.78 -22.62 20.07
CA GLY C 69 20.77 -23.76 19.18
C GLY C 69 19.86 -23.54 17.99
N LEU C 70 20.37 -23.84 16.80
CA LEU C 70 19.62 -23.72 15.56
C LEU C 70 19.89 -24.94 14.69
N SER C 71 18.83 -25.68 14.36
CA SER C 71 18.97 -26.87 13.53
C SER C 71 17.79 -27.00 12.61
N ASP C 72 17.97 -27.80 11.56
CA ASP C 72 16.94 -28.09 10.58
C ASP C 72 16.36 -29.47 10.88
N GLY C 73 15.09 -29.50 11.29
CA GLY C 73 14.45 -30.72 11.72
C GLY C 73 13.63 -31.40 10.63
N GLN C 74 13.04 -32.53 11.03
CA GLN C 74 12.11 -33.27 10.18
C GLN C 74 10.75 -32.58 10.25
N GLY C 75 9.72 -33.21 9.68
CA GLY C 75 8.40 -32.61 9.70
C GLY C 75 7.34 -33.49 10.31
N ILE C 76 7.77 -34.48 11.12
CA ILE C 76 6.82 -35.43 11.68
C ILE C 76 5.97 -34.79 12.77
N ASP C 77 6.49 -33.73 13.41
CA ASP C 77 5.67 -32.97 14.36
C ASP C 77 4.43 -32.40 13.68
N ILE C 78 4.49 -32.16 12.38
CA ILE C 78 3.33 -31.65 11.63
C ILE C 78 2.70 -32.87 10.98
N ASP C 79 1.87 -33.56 11.75
CA ASP C 79 1.35 -34.85 11.31
C ASP C 79 0.22 -34.72 10.29
N LEU C 80 -0.59 -33.67 10.40
CA LEU C 80 -1.68 -33.44 9.47
C LEU C 80 -1.20 -32.52 8.35
N ARG C 81 -1.27 -33.00 7.11
CA ARG C 81 -0.74 -32.29 5.95
C ARG C 81 -1.78 -32.17 4.85
N LYS C 82 -3.07 -32.18 5.22
CA LYS C 82 -4.15 -32.13 4.25
C LYS C 82 -5.30 -31.33 4.84
N THR C 83 -5.84 -30.41 4.04
CA THR C 83 -6.99 -29.64 4.48
C THR C 83 -8.27 -30.43 4.25
N ASN C 84 -9.34 -29.97 4.89
CA ASN C 84 -10.67 -30.47 4.54
C ASN C 84 -11.04 -30.00 3.14
N SER C 85 -12.04 -30.66 2.56
CA SER C 85 -12.54 -30.26 1.26
C SER C 85 -13.15 -28.87 1.34
N LEU C 86 -12.58 -27.92 0.62
CA LEU C 86 -12.99 -26.53 0.65
C LEU C 86 -13.79 -26.19 -0.59
N SER C 87 -14.75 -25.26 -0.44
CA SER C 87 -15.49 -24.78 -1.58
C SER C 87 -14.58 -24.00 -2.52
N SER C 88 -14.90 -24.04 -3.81
CA SER C 88 -14.08 -23.36 -4.81
C SER C 88 -13.99 -21.87 -4.56
N ALA C 89 -15.02 -21.27 -3.95
CA ALA C 89 -14.96 -19.86 -3.58
C ALA C 89 -13.95 -19.64 -2.48
N VAL C 90 -14.00 -20.48 -1.44
CA VAL C 90 -13.04 -20.35 -0.34
C VAL C 90 -11.62 -20.58 -0.85
N ALA C 91 -11.41 -21.65 -1.61
CA ALA C 91 -10.08 -21.96 -2.11
C ALA C 91 -9.58 -20.90 -3.08
N ALA C 92 -10.49 -20.18 -3.74
CA ALA C 92 -10.08 -19.11 -4.65
C ALA C 92 -9.42 -17.97 -3.89
N LYS C 93 -10.05 -17.52 -2.81
CA LYS C 93 -9.50 -16.40 -2.05
C LYS C 93 -8.28 -16.80 -1.24
N ILE C 94 -8.18 -18.08 -0.86
CA ILE C 94 -7.00 -18.55 -0.14
C ILE C 94 -5.75 -18.32 -0.97
N LEU C 95 -5.81 -18.62 -2.27
CA LEU C 95 -4.70 -18.30 -3.16
C LEU C 95 -4.62 -16.80 -3.42
N GLU C 96 -5.75 -16.09 -3.36
CA GLU C 96 -5.72 -14.65 -3.59
C GLU C 96 -5.10 -13.92 -2.42
N SER C 97 -5.48 -14.27 -1.19
CA SER C 97 -4.82 -13.71 -0.02
C SER C 97 -3.37 -14.16 0.06
N TYR C 98 -3.07 -15.37 -0.42
CA TYR C 98 -1.71 -15.87 -0.36
C TYR C 98 -0.80 -15.10 -1.32
N PHE C 99 -1.22 -14.94 -2.57
CA PHE C 99 -0.39 -14.31 -3.58
C PHE C 99 -0.53 -12.79 -3.60
N GLN C 100 -1.50 -12.24 -2.88
CA GLN C 100 -1.52 -10.81 -2.52
C GLN C 100 -1.60 -9.96 -3.78
N ASP C 101 -0.65 -9.05 -4.04
CA ASP C 101 -0.86 -8.00 -5.03
C ASP C 101 -0.84 -8.54 -6.47
N SER C 102 -0.06 -9.58 -6.74
CA SER C 102 -0.05 -10.26 -8.03
C SER C 102 -1.30 -11.14 -8.11
N ALA C 103 -2.41 -10.55 -8.57
CA ALA C 103 -3.72 -11.18 -8.50
C ALA C 103 -4.22 -11.59 -9.89
N PRO C 104 -4.04 -12.84 -10.30
CA PRO C 104 -4.73 -13.33 -11.50
C PRO C 104 -6.11 -13.87 -11.16
N SER C 105 -7.02 -13.73 -12.12
CA SER C 105 -8.41 -14.17 -11.94
C SER C 105 -8.48 -15.67 -11.70
N PHE C 106 -8.64 -16.08 -10.44
CA PHE C 106 -8.70 -17.50 -10.11
C PHE C 106 -10.08 -18.09 -10.40
N ASP C 107 -11.14 -17.32 -10.14
CA ASP C 107 -12.51 -17.84 -10.26
C ASP C 107 -12.79 -18.36 -11.66
N LEU C 108 -12.23 -17.71 -12.69
CA LEU C 108 -12.43 -18.20 -14.05
C LEU C 108 -11.83 -19.60 -14.24
N ALA C 109 -10.76 -19.90 -13.51
CA ALA C 109 -10.14 -21.22 -13.63
C ALA C 109 -10.86 -22.27 -12.79
N PHE C 110 -11.27 -21.91 -11.57
CA PHE C 110 -11.85 -22.84 -10.63
C PHE C 110 -13.35 -23.03 -10.82
N GLU C 111 -13.95 -22.42 -11.84
CA GLU C 111 -15.40 -22.58 -12.04
C GLU C 111 -15.76 -24.03 -12.29
N ASN C 112 -14.92 -24.75 -13.05
CA ASN C 112 -15.14 -26.16 -13.33
C ASN C 112 -14.65 -27.07 -12.21
N SER C 113 -14.52 -26.56 -10.99
CA SER C 113 -14.04 -27.33 -9.85
C SER C 113 -15.14 -27.43 -8.80
N SER C 114 -15.42 -28.66 -8.36
CA SER C 114 -16.45 -28.88 -7.34
C SER C 114 -15.92 -28.57 -5.94
N SER C 115 -14.91 -29.31 -5.50
CA SER C 115 -14.28 -29.07 -4.20
C SER C 115 -12.77 -29.15 -4.36
N VAL C 116 -12.07 -28.49 -3.45
CA VAL C 116 -10.62 -28.37 -3.51
C VAL C 116 -10.01 -28.82 -2.20
N ILE C 117 -8.83 -29.44 -2.28
CA ILE C 117 -8.05 -29.86 -1.13
C ILE C 117 -6.59 -29.46 -1.35
N PHE C 118 -5.96 -28.92 -0.31
CA PHE C 118 -4.55 -28.55 -0.36
C PHE C 118 -3.70 -29.66 0.25
N HIS C 119 -2.56 -29.93 -0.39
CA HIS C 119 -1.66 -30.98 0.04
C HIS C 119 -0.26 -30.39 0.21
N ILE C 120 0.31 -30.56 1.41
CA ILE C 120 1.67 -30.17 1.72
C ILE C 120 2.43 -31.46 2.04
N GLU C 121 3.36 -31.85 1.18
CA GLU C 121 3.88 -33.21 1.25
C GLU C 121 5.15 -33.33 2.09
N GLU C 122 6.18 -32.53 1.79
CA GLU C 122 7.48 -32.61 2.44
C GLU C 122 7.89 -31.23 2.93
N ILE C 123 8.37 -31.16 4.17
CA ILE C 123 8.65 -29.89 4.84
C ILE C 123 10.09 -29.89 5.35
N ILE C 124 10.73 -28.73 5.27
CA ILE C 124 12.06 -28.50 5.85
C ILE C 124 11.89 -27.54 7.02
N THR C 125 11.79 -28.08 8.23
CA THR C 125 11.60 -27.24 9.40
C THR C 125 12.94 -26.78 9.95
N THR C 126 13.04 -25.49 10.26
CA THR C 126 14.19 -24.92 10.94
C THR C 126 13.73 -24.47 12.31
N ASP C 127 14.34 -25.01 13.36
CA ASP C 127 13.92 -24.75 14.73
C ASP C 127 15.07 -24.18 15.54
N ALA C 128 14.77 -23.16 16.34
CA ALA C 128 15.71 -22.60 17.30
C ALA C 128 15.31 -23.04 18.70
N ASP C 129 16.31 -23.38 19.51
CA ASP C 129 16.07 -23.78 20.91
C ASP C 129 15.46 -22.61 21.69
N GLU C 130 14.15 -22.68 21.94
CA GLU C 130 13.43 -21.61 22.61
C GLU C 130 13.75 -21.50 24.10
N ILE C 131 14.60 -22.36 24.64
CA ILE C 131 15.08 -22.21 26.01
C ILE C 131 16.50 -21.65 26.03
N SER C 132 17.37 -22.13 25.14
CA SER C 132 18.66 -21.48 24.95
C SER C 132 18.47 -20.00 24.62
N LEU C 133 17.44 -19.68 23.84
CA LEU C 133 17.17 -18.28 23.50
C LEU C 133 16.82 -17.48 24.76
N ARG C 134 16.09 -18.09 25.69
CA ARG C 134 15.69 -17.39 26.91
C ARG C 134 16.90 -17.00 27.75
N ASN C 135 17.63 -17.99 28.27
CA ASN C 135 18.75 -17.65 29.14
C ASN C 135 19.88 -16.96 28.39
N TRP C 136 19.93 -17.05 27.05
CA TRP C 136 20.87 -16.21 26.32
C TRP C 136 20.48 -14.75 26.41
N LEU C 137 19.19 -14.46 26.29
CA LEU C 137 18.71 -13.10 26.53
C LEU C 137 18.93 -12.69 27.98
N ASN C 138 18.70 -13.61 28.92
CA ASN C 138 18.91 -13.29 30.33
C ASN C 138 20.37 -13.01 30.62
N ASP C 139 21.26 -13.90 30.18
CA ASP C 139 22.68 -13.81 30.51
C ASP C 139 23.42 -12.77 29.68
N ASN C 140 22.76 -12.09 28.76
CA ASN C 140 23.44 -11.13 27.89
C ASN C 140 22.67 -9.81 27.79
N GLN C 141 21.93 -9.45 28.84
CA GLN C 141 21.15 -8.22 28.82
C GLN C 141 22.00 -6.98 28.66
N ASN C 142 22.80 -6.67 29.69
CA ASN C 142 23.44 -5.37 29.83
C ASN C 142 24.40 -5.04 28.69
N GLU C 143 24.55 -5.95 27.73
CA GLU C 143 25.23 -5.67 26.48
C GLU C 143 24.26 -5.32 25.36
N LEU C 144 22.96 -5.26 25.65
CA LEU C 144 21.99 -4.77 24.69
C LEU C 144 22.23 -3.29 24.41
N ARG C 145 22.09 -2.90 23.15
CA ARG C 145 22.26 -1.50 22.80
C ARG C 145 21.12 -0.68 23.37
N GLU C 146 21.44 0.56 23.75
CA GLU C 146 20.45 1.39 24.44
C GLU C 146 19.30 1.80 23.53
N ILE C 147 19.59 2.04 22.26
CA ILE C 147 18.55 2.47 21.31
C ILE C 147 17.45 1.43 21.24
N TYR C 148 17.80 0.14 21.29
CA TYR C 148 16.82 -0.90 21.07
C TYR C 148 16.04 -1.27 22.32
N LYS C 149 16.51 -0.87 23.50
CA LYS C 149 15.70 -1.06 24.71
C LYS C 149 14.40 -0.26 24.62
N GLU C 150 14.48 0.97 24.11
CA GLU C 150 13.27 1.76 23.91
C GLU C 150 12.40 1.14 22.83
N GLU C 151 13.00 0.61 21.76
CA GLU C 151 12.23 -0.09 20.75
C GLU C 151 11.60 -1.35 21.32
N ILE C 152 12.34 -2.08 22.15
CA ILE C 152 11.83 -3.34 22.69
C ILE C 152 10.70 -3.09 23.69
N LYS C 153 10.84 -2.05 24.51
CA LYS C 153 9.79 -1.77 25.49
C LYS C 153 8.53 -1.20 24.84
N LYS C 154 8.58 -0.81 23.56
CA LYS C 154 7.34 -0.55 22.82
C LYS C 154 6.56 -1.84 22.63
N GLY C 155 7.25 -2.97 22.54
CA GLY C 155 6.61 -4.27 22.60
C GLY C 155 6.25 -4.91 21.28
N ASN C 156 6.77 -4.41 20.16
CA ASN C 156 6.39 -4.91 18.84
C ASN C 156 7.50 -5.73 18.18
N PHE C 157 8.56 -6.07 18.91
CA PHE C 157 9.60 -6.92 18.37
C PHE C 157 9.20 -8.39 18.49
N PHE C 158 9.49 -9.17 17.46
CA PHE C 158 9.20 -10.59 17.46
C PHE C 158 10.40 -11.35 16.90
N VAL C 159 10.65 -12.52 17.46
CA VAL C 159 11.74 -13.38 17.03
C VAL C 159 11.16 -14.60 16.35
N ALA C 160 11.75 -14.98 15.22
CA ALA C 160 11.35 -16.18 14.49
C ALA C 160 12.13 -17.38 15.03
N THR C 161 11.48 -18.20 15.84
CA THR C 161 12.12 -19.34 16.46
C THR C 161 11.80 -20.67 15.79
N SER C 162 11.05 -20.65 14.69
CA SER C 162 10.77 -21.86 13.93
C SER C 162 10.28 -21.48 12.55
N LEU C 163 10.60 -22.34 11.57
CA LEU C 163 10.20 -22.12 10.18
C LEU C 163 9.62 -23.41 9.61
N LEU C 164 8.40 -23.32 9.08
CA LEU C 164 7.82 -24.38 8.27
C LEU C 164 8.05 -24.05 6.80
N ARG C 165 8.66 -24.97 6.07
CA ARG C 165 9.09 -24.74 4.70
C ARG C 165 8.90 -26.01 3.88
N ALA C 166 7.96 -25.97 2.94
CA ALA C 166 7.72 -27.07 2.01
C ALA C 166 8.15 -26.67 0.61
N LYS C 167 8.78 -27.59 -0.10
CA LYS C 167 9.22 -27.31 -1.46
C LYS C 167 8.14 -27.56 -2.51
N LYS C 168 7.12 -28.37 -2.20
CA LYS C 168 6.10 -28.72 -3.17
C LYS C 168 4.73 -28.73 -2.51
N ARG C 170 0.54 -29.35 -3.39
CA ARG C 170 -0.32 -30.03 -4.35
C ARG C 170 -1.78 -29.69 -4.08
N GLN C 172 -5.85 -30.76 -5.13
CA GLN C 172 -6.77 -31.72 -5.72
C GLN C 172 -8.11 -31.05 -6.00
N PHE C 173 -8.59 -31.18 -7.23
CA PHE C 173 -9.84 -30.59 -7.66
C PHE C 173 -10.82 -31.70 -8.02
N GLU C 174 -11.98 -31.69 -7.38
CA GLU C 174 -13.07 -32.58 -7.77
C GLU C 174 -13.89 -31.91 -8.85
N ARG C 175 -14.28 -32.68 -9.86
CA ARG C 175 -14.98 -32.11 -11.01
C ARG C 175 -16.47 -31.99 -10.73
N LYS C 176 -17.06 -30.89 -11.21
CA LYS C 176 -18.52 -30.75 -11.19
C LYS C 176 -19.15 -31.63 -12.27
N ASN C 177 -18.96 -31.26 -13.53
CA ASN C 177 -19.49 -32.01 -14.67
C ASN C 177 -18.34 -32.18 -15.66
N LYS C 178 -17.70 -33.35 -15.61
CA LYS C 178 -16.53 -33.68 -16.42
C LYS C 178 -16.63 -33.24 -17.87
N LEU C 181 -11.98 -32.22 -16.52
CA LEU C 181 -11.57 -30.83 -16.40
C LEU C 181 -11.91 -30.27 -15.01
N GLY C 182 -10.94 -30.32 -14.10
CA GLY C 182 -11.14 -29.79 -12.77
C GLY C 182 -10.78 -28.32 -12.64
N VAL C 183 -9.59 -27.95 -13.11
CA VAL C 183 -9.10 -26.58 -13.02
C VAL C 183 -8.55 -26.16 -14.37
N ASP C 184 -8.99 -25.02 -14.88
CA ASP C 184 -8.53 -24.52 -16.17
C ASP C 184 -7.17 -23.88 -15.99
N VAL C 185 -6.14 -24.50 -16.57
CA VAL C 185 -4.77 -24.03 -16.38
C VAL C 185 -4.58 -22.64 -16.99
N SER C 186 -5.22 -22.39 -18.14
CA SER C 186 -4.97 -21.16 -18.87
C SER C 186 -5.42 -19.93 -18.09
N LYS C 187 -6.63 -19.98 -17.51
CA LYS C 187 -7.18 -18.80 -16.85
C LYS C 187 -6.45 -18.44 -15.55
N ILE C 188 -5.35 -19.11 -15.21
CA ILE C 188 -4.49 -18.71 -14.11
C ILE C 188 -3.34 -17.92 -14.73
N LYS C 189 -3.56 -16.60 -14.90
CA LYS C 189 -2.70 -15.79 -15.75
C LYS C 189 -1.28 -15.68 -15.22
N ASN C 190 -1.10 -14.90 -14.15
CA ASN C 190 0.23 -14.52 -13.68
C ASN C 190 0.47 -15.14 -12.31
N LEU C 191 1.35 -16.13 -12.25
CA LEU C 191 1.73 -16.80 -11.01
C LEU C 191 3.21 -16.56 -10.73
N PRO C 192 3.57 -16.10 -9.54
CA PRO C 192 5.00 -16.00 -9.20
C PRO C 192 5.67 -17.35 -8.99
N VAL C 193 4.90 -18.43 -8.99
CA VAL C 193 5.42 -19.78 -8.76
C VAL C 193 4.94 -20.68 -9.89
N ASP C 194 5.71 -21.73 -10.17
CA ASP C 194 5.41 -22.61 -11.28
C ASP C 194 4.23 -23.52 -10.96
N ALA C 195 3.51 -23.92 -12.00
CA ALA C 195 2.36 -24.80 -11.87
C ALA C 195 2.43 -25.87 -12.97
N LYS C 196 2.02 -27.09 -12.62
CA LYS C 196 1.98 -28.20 -13.56
C LYS C 196 0.82 -29.12 -13.18
N LEU C 197 0.62 -30.17 -13.98
CA LEU C 197 -0.43 -31.15 -13.76
C LEU C 197 0.18 -32.53 -13.62
N GLU C 198 -0.26 -33.28 -12.62
CA GLU C 198 0.32 -34.58 -12.38
C GLU C 198 -0.22 -35.61 -13.37
N SER C 199 0.53 -36.71 -13.50
CA SER C 199 0.19 -37.75 -14.47
C SER C 199 -0.38 -38.99 -13.79
N LYS C 200 -1.53 -38.84 -13.14
CA LYS C 200 -2.23 -39.98 -12.55
C LYS C 200 -3.68 -39.59 -12.37
N ILE C 201 -4.59 -40.32 -13.02
CA ILE C 201 -6.01 -40.05 -12.95
C ILE C 201 -6.73 -41.37 -12.69
N GLU C 202 -7.70 -41.34 -11.78
CA GLU C 202 -8.35 -42.56 -11.33
C GLU C 202 -9.78 -42.30 -10.87
N THR C 205 -11.70 -39.55 -9.20
CA THR C 205 -12.34 -38.72 -10.22
C THR C 205 -11.95 -37.26 -10.04
N TYR C 206 -10.64 -36.98 -10.11
CA TYR C 206 -10.14 -35.65 -9.79
C TYR C 206 -8.94 -35.33 -10.68
N ASP C 207 -8.55 -34.05 -10.64
CA ASP C 207 -7.33 -33.57 -11.29
C ASP C 207 -6.45 -32.90 -10.24
N ARG C 208 -5.14 -33.06 -10.38
CA ARG C 208 -4.20 -32.58 -9.38
C ARG C 208 -3.26 -31.54 -9.99
N LEU C 209 -3.12 -30.41 -9.29
CA LEU C 209 -2.14 -29.38 -9.62
C LEU C 209 -0.96 -29.48 -8.66
N VAL C 210 0.24 -29.23 -9.17
CA VAL C 210 1.45 -29.22 -8.36
C VAL C 210 2.13 -27.87 -8.53
N PHE C 211 2.35 -27.20 -7.40
CA PHE C 211 3.12 -25.97 -7.33
C PHE C 211 4.50 -26.29 -6.79
N GLU C 212 5.53 -25.75 -7.42
CA GLU C 212 6.89 -26.12 -7.04
C GLU C 212 7.83 -24.93 -7.17
N THR C 213 8.66 -24.74 -6.15
CA THR C 213 9.68 -23.70 -6.18
C THR C 213 10.87 -24.16 -7.02
N GLU C 216 15.69 -26.69 -0.51
CA GLU C 216 15.18 -25.41 -0.04
C GLU C 216 13.84 -25.07 -0.70
N GLY C 217 12.87 -24.70 0.12
CA GLY C 217 11.60 -24.21 -0.38
C GLY C 217 11.39 -22.77 0.04
N ILE C 218 10.13 -22.40 0.26
CA ILE C 218 9.81 -21.07 0.78
C ILE C 218 8.97 -21.23 2.03
N VAL C 219 9.08 -20.26 2.94
CA VAL C 219 8.41 -20.33 4.23
C VAL C 219 6.90 -20.25 4.01
N PHE C 220 6.18 -21.22 4.58
CA PHE C 220 4.72 -21.14 4.64
C PHE C 220 4.17 -21.03 6.05
N GLY C 221 4.97 -21.34 7.07
CA GLY C 221 4.58 -21.06 8.45
C GLY C 221 5.77 -20.58 9.24
N VAL C 222 5.49 -19.74 10.24
CA VAL C 222 6.54 -19.19 11.09
C VAL C 222 6.03 -19.09 12.52
N LYS C 223 6.91 -19.37 13.47
CA LYS C 223 6.62 -19.19 14.89
C LYS C 223 7.27 -17.90 15.36
N LEU C 224 6.47 -16.97 15.85
CA LEU C 224 6.94 -15.65 16.26
C LEU C 224 6.70 -15.46 17.75
N VAL C 225 7.76 -15.18 18.49
CA VAL C 225 7.69 -14.97 19.94
C VAL C 225 8.07 -13.53 20.23
N ARG C 226 7.30 -12.89 21.11
CA ARG C 226 7.55 -11.50 21.45
C ARG C 226 8.82 -11.38 22.30
N LEU C 227 9.39 -10.17 22.31
CA LEU C 227 10.66 -9.90 22.96
C LEU C 227 10.48 -8.89 24.09
N PHE C 228 9.49 -9.11 24.94
CA PHE C 228 9.14 -8.11 25.97
C PHE C 228 10.17 -8.11 27.10
N PHE C 229 10.00 -7.14 28.00
CA PHE C 229 10.72 -7.09 29.26
C PHE C 229 9.85 -7.64 30.39
N SER C 230 10.50 -8.23 31.38
CA SER C 230 9.77 -8.78 32.52
C SER C 230 9.08 -7.67 33.31
N ASP C 231 8.04 -8.05 34.04
CA ASP C 231 7.40 -7.10 34.96
C ASP C 231 8.40 -6.57 35.98
N ASN C 232 9.38 -7.39 36.37
CA ASN C 232 10.45 -6.94 37.24
C ASN C 232 11.67 -6.43 36.47
N GLY C 233 11.64 -6.51 35.14
CA GLY C 233 12.62 -5.84 34.30
C GLY C 233 13.65 -6.70 33.58
N ILE C 234 13.39 -7.98 33.35
CA ILE C 234 14.34 -8.89 32.70
C ILE C 234 13.95 -9.05 31.24
N LEU C 235 14.93 -8.90 30.35
CA LEU C 235 14.74 -9.20 28.94
C LEU C 235 14.40 -10.67 28.77
N THR C 236 13.37 -10.97 27.99
CA THR C 236 12.84 -12.33 27.99
C THR C 236 11.96 -12.59 26.78
N ILE C 237 11.71 -13.87 26.54
CA ILE C 237 10.57 -14.33 25.77
C ILE C 237 9.55 -15.07 26.64
N ASP C 238 9.87 -15.30 27.91
CA ASP C 238 9.07 -16.14 28.81
C ASP C 238 8.16 -15.27 29.66
N LYS C 239 6.85 -15.44 29.48
CA LYS C 239 5.89 -14.77 30.35
C LYS C 239 5.99 -15.25 31.79
N LYS C 240 6.49 -16.48 31.99
CA LYS C 240 6.54 -17.09 33.32
C LYS C 240 7.92 -16.92 33.95
N GLN C 241 8.37 -15.67 34.08
CA GLN C 241 9.66 -15.37 34.69
C GLN C 241 9.46 -15.02 36.17
N ASP C 242 9.22 -16.07 36.97
CA ASP C 242 8.82 -15.95 38.37
C ASP C 242 9.22 -17.23 39.11
N PHE C 243 10.52 -17.39 39.33
CA PHE C 243 11.08 -18.56 40.00
C PHE C 243 10.66 -19.85 39.29
N ALA C 252 6.17 -20.42 29.40
CA ALA C 252 4.99 -19.76 28.84
C ALA C 252 5.45 -18.68 27.87
N LEU C 253 5.20 -18.89 26.58
CA LEU C 253 5.63 -17.97 25.53
C LEU C 253 4.48 -17.08 25.07
N ASN C 254 4.83 -15.90 24.59
CA ASN C 254 3.85 -14.95 24.06
C ASN C 254 3.92 -15.02 22.54
N LEU C 255 3.13 -15.95 21.97
CA LEU C 255 3.14 -16.23 20.55
C LEU C 255 2.18 -15.30 19.81
N PHE C 256 2.53 -14.98 18.56
CA PHE C 256 1.70 -14.09 17.77
C PHE C 256 0.35 -14.71 17.45
N THR C 257 0.27 -16.04 17.41
CA THR C 257 -1.02 -16.70 17.16
C THR C 257 -2.02 -16.39 18.25
N GLU C 258 -1.56 -16.12 19.47
CA GLU C 258 -2.44 -15.81 20.59
C GLU C 258 -2.91 -14.37 20.58
N ILE C 259 -2.32 -13.52 19.73
CA ILE C 259 -2.67 -12.10 19.71
C ILE C 259 -4.12 -11.94 19.26
N GLN C 260 -4.90 -11.24 20.06
CA GLN C 260 -6.29 -10.96 19.71
C GLN C 260 -6.35 -9.78 18.76
N ASP C 261 -7.07 -9.94 17.65
CA ASP C 261 -7.23 -8.89 16.67
C ASP C 261 -8.72 -8.61 16.48
N ALA C 262 -9.08 -7.34 16.57
CA ALA C 262 -10.44 -6.91 16.27
C ALA C 262 -10.59 -6.72 14.77
N GLY C 263 -11.66 -7.27 14.21
CA GLY C 263 -11.89 -7.16 12.77
C GLY C 263 -12.21 -5.75 12.33
N PHE C 264 -11.17 -4.92 12.13
CA PHE C 264 -11.35 -3.55 11.66
C PHE C 264 -11.33 -3.56 10.14
N ILE C 265 -12.51 -3.66 9.54
CA ILE C 265 -12.59 -3.68 8.08
C ILE C 265 -12.33 -2.27 7.55
N GLU C 266 -11.69 -2.21 6.38
CA GLU C 266 -11.30 -0.96 5.75
C GLU C 266 -12.00 -0.83 4.40
N VAL C 267 -12.69 0.29 4.20
CA VAL C 267 -13.45 0.57 2.98
C VAL C 267 -12.69 1.63 2.20
N THR C 268 -12.18 1.26 1.02
CA THR C 268 -11.50 2.20 0.14
C THR C 268 -12.34 2.42 -1.12
N GLU D 2 -8.01 -14.16 17.32
CA GLU D 2 -9.36 -13.66 17.47
C GLU D 2 -9.58 -13.01 18.83
N ASN D 4 -11.04 -12.15 22.26
CA ASN D 4 -11.78 -12.83 23.31
C ASN D 4 -12.45 -11.82 24.25
N ASP D 5 -12.26 -10.54 23.95
CA ASP D 5 -12.88 -9.50 24.76
C ASP D 5 -14.40 -9.61 24.65
N PRO D 6 -15.13 -9.45 25.76
CA PRO D 6 -16.59 -9.62 25.70
C PRO D 6 -17.29 -8.66 24.77
N PHE D 7 -16.77 -7.43 24.62
CA PHE D 7 -17.45 -6.45 23.79
C PHE D 7 -17.42 -6.84 22.32
N VAL D 8 -16.32 -7.45 21.86
CA VAL D 8 -16.22 -7.84 20.45
C VAL D 8 -17.06 -9.08 20.18
N VAL D 9 -17.03 -10.06 21.10
CA VAL D 9 -17.81 -11.28 20.93
C VAL D 9 -19.29 -10.95 20.78
N ALA D 10 -19.81 -10.04 21.63
CA ALA D 10 -21.21 -9.66 21.52
C ALA D 10 -21.51 -9.06 20.15
N LEU D 11 -20.63 -8.19 19.66
CA LEU D 11 -20.79 -7.64 18.31
C LEU D 11 -20.71 -8.74 17.27
N LYS D 12 -19.70 -9.61 17.37
CA LYS D 12 -19.57 -10.70 16.41
C LYS D 12 -20.72 -11.69 16.53
N ASP D 13 -21.30 -11.84 17.73
CA ASP D 13 -22.44 -12.72 17.91
C ASP D 13 -23.63 -12.25 17.07
N LYS D 14 -23.83 -10.93 16.98
CA LYS D 14 -24.93 -10.36 16.22
C LYS D 14 -24.58 -10.08 14.77
N GLY D 15 -23.41 -10.51 14.31
CA GLY D 15 -23.04 -10.38 12.92
C GLY D 15 -22.41 -9.06 12.54
N TYR D 16 -22.03 -8.23 13.51
CA TYR D 16 -21.44 -6.93 13.22
C TYR D 16 -19.92 -7.03 13.14
N SER D 17 -19.34 -6.11 12.37
CA SER D 17 -17.89 -6.01 12.23
C SER D 17 -17.46 -4.58 12.49
N LEU D 18 -16.36 -4.43 13.23
CA LEU D 18 -15.83 -3.10 13.51
C LEU D 18 -15.28 -2.47 12.23
N VAL D 19 -15.43 -1.16 12.13
CA VAL D 19 -15.01 -0.40 10.96
C VAL D 19 -13.92 0.57 11.39
N ALA D 20 -12.76 0.48 10.76
CA ALA D 20 -11.71 1.46 10.97
C ALA D 20 -12.26 2.85 10.69
N TYR D 21 -11.74 3.84 11.42
CA TYR D 21 -12.28 5.19 11.40
C TYR D 21 -12.41 5.67 9.95
N PRO D 22 -13.63 5.95 9.49
CA PRO D 22 -13.85 6.16 8.05
C PRO D 22 -13.35 7.53 7.60
N LYS D 23 -12.41 7.52 6.67
CA LYS D 23 -12.24 8.64 5.76
C LYS D 23 -13.23 8.56 4.61
N THR D 24 -14.35 7.89 4.85
CA THR D 24 -15.50 7.79 3.98
C THR D 24 -16.73 7.85 4.87
N SER D 25 -17.78 7.08 4.55
CA SER D 25 -18.88 6.80 5.47
C SER D 25 -19.78 5.72 4.87
N ILE D 26 -20.20 4.77 5.69
CA ILE D 26 -21.03 3.66 5.23
C ILE D 26 -22.50 4.05 5.37
N ARG D 27 -23.27 3.88 4.29
CA ARG D 27 -24.71 4.12 4.28
C ARG D 27 -25.46 2.78 4.24
N PRO D 28 -26.68 2.72 4.77
CA PRO D 28 -27.38 1.43 4.81
C PRO D 28 -27.89 1.00 3.45
N LEU D 29 -28.05 -0.32 3.30
CA LEU D 29 -28.52 -0.93 2.05
C LEU D 29 -27.63 -0.56 0.88
N HIS D 30 -26.32 -0.51 1.12
CA HIS D 30 -25.35 -0.17 0.11
C HIS D 30 -24.51 -1.38 -0.26
N ILE D 31 -23.89 -1.31 -1.44
CA ILE D 31 -23.08 -2.38 -1.98
C ILE D 31 -21.61 -2.13 -1.65
N TYR D 32 -20.92 -3.16 -1.19
CA TYR D 32 -19.49 -3.07 -0.89
C TYR D 32 -18.82 -4.36 -1.30
N GLU D 33 -17.88 -4.27 -2.23
CA GLU D 33 -17.14 -5.44 -2.67
C GLU D 33 -16.06 -5.79 -1.67
N HIS D 34 -15.78 -7.09 -1.56
CA HIS D 34 -14.75 -7.63 -0.68
C HIS D 34 -13.60 -8.16 -1.51
N THR D 35 -12.39 -7.63 -1.25
CA THR D 35 -11.20 -7.97 -2.02
C THR D 35 -10.30 -8.94 -1.26
N ILE D 36 -9.57 -8.49 -0.25
CA ILE D 36 -8.62 -9.34 0.45
C ILE D 36 -8.79 -9.12 1.95
N LYS D 37 -8.69 -10.21 2.73
CA LYS D 37 -8.78 -10.14 4.18
C LYS D 37 -9.99 -9.32 4.65
N ASN D 38 -9.73 -8.14 5.23
CA ASN D 38 -10.80 -7.28 5.71
C ASN D 38 -11.02 -6.05 4.85
N ALA D 39 -10.26 -5.90 3.76
CA ALA D 39 -10.38 -4.73 2.90
C ALA D 39 -11.64 -4.82 2.04
N PHE D 40 -12.35 -3.70 1.96
CA PHE D 40 -13.56 -3.59 1.14
C PHE D 40 -13.41 -2.44 0.16
N LYS D 41 -14.14 -2.54 -0.95
CA LYS D 41 -14.11 -1.53 -2.01
C LYS D 41 -15.53 -1.07 -2.27
N ARG D 42 -15.75 0.24 -2.18
CA ARG D 42 -17.09 0.78 -2.40
C ARG D 42 -17.49 0.66 -3.86
N ILE D 43 -18.73 0.25 -4.09
CA ILE D 43 -19.24 0.00 -5.44
C ILE D 43 -20.02 1.22 -5.90
N TRP D 44 -19.65 1.75 -7.07
CA TRP D 44 -20.29 2.92 -7.65
C TRP D 44 -21.19 2.49 -8.81
N ILE D 45 -22.44 2.93 -8.77
CA ILE D 45 -23.41 2.52 -9.78
C ILE D 45 -23.95 3.72 -10.55
N THR D 52 -23.59 6.59 -9.43
CA THR D 52 -24.15 7.67 -8.63
C THR D 52 -24.09 7.35 -7.14
N SER D 53 -24.37 6.10 -6.78
CA SER D 53 -24.38 5.69 -5.39
C SER D 53 -24.18 4.18 -5.33
N GLY D 54 -24.00 3.67 -4.12
CA GLY D 54 -23.87 2.24 -3.92
C GLY D 54 -25.16 1.60 -3.47
N PHE D 55 -26.28 2.28 -3.72
CA PHE D 55 -27.58 1.80 -3.29
C PHE D 55 -27.92 0.46 -3.95
N ILE D 56 -28.66 -0.37 -3.22
CA ILE D 56 -29.03 -1.69 -3.71
C ILE D 56 -30.03 -1.59 -4.85
N LYS D 57 -30.92 -0.60 -4.81
CA LYS D 57 -31.93 -0.47 -5.86
C LYS D 57 -31.33 -0.04 -7.19
N SER D 58 -30.22 0.70 -7.16
CA SER D 58 -29.57 1.12 -8.39
C SER D 58 -29.01 -0.04 -9.20
N LEU D 59 -28.97 -1.25 -8.64
CA LEU D 59 -28.67 -2.44 -9.41
C LEU D 59 -29.86 -2.96 -10.19
N PHE D 60 -31.00 -2.27 -10.13
CA PHE D 60 -32.22 -2.67 -10.80
C PHE D 60 -32.70 -1.53 -11.70
N SER D 61 -33.65 -1.85 -12.57
CA SER D 61 -34.16 -0.87 -13.53
C SER D 61 -35.21 0.04 -12.90
N ASP D 62 -36.16 0.52 -13.70
CA ASP D 62 -37.19 1.43 -13.23
C ASP D 62 -38.32 0.73 -12.48
N LYS D 63 -38.45 -0.58 -12.64
CA LYS D 63 -39.53 -1.31 -12.00
C LYS D 63 -39.19 -1.56 -10.54
N ILE D 64 -40.02 -1.02 -9.64
CA ILE D 64 -39.88 -1.23 -8.20
C ILE D 64 -41.15 -1.88 -7.69
N HIS D 65 -41.01 -2.98 -6.94
CA HIS D 65 -42.12 -3.71 -6.36
C HIS D 65 -41.86 -3.85 -4.87
N GLY D 66 -42.71 -3.25 -4.07
CA GLY D 66 -42.56 -3.31 -2.63
C GLY D 66 -41.61 -2.24 -2.11
N ALA D 67 -41.23 -2.41 -0.83
CA ALA D 67 -40.33 -1.48 -0.17
C ALA D 67 -39.54 -2.23 0.89
N ILE D 68 -38.34 -1.73 1.17
CA ILE D 68 -37.46 -2.31 2.18
C ILE D 68 -37.62 -1.53 3.47
N GLY D 69 -37.94 -2.23 4.55
CA GLY D 69 -38.07 -1.58 5.84
C GLY D 69 -36.73 -1.09 6.34
N LEU D 70 -36.67 0.18 6.71
CA LEU D 70 -35.43 0.82 7.15
C LEU D 70 -35.77 1.76 8.30
N SER D 71 -35.22 1.50 9.48
CA SER D 71 -35.54 2.28 10.66
C SER D 71 -34.28 2.56 11.47
N ASP D 72 -34.38 3.56 12.35
CA ASP D 72 -33.30 3.95 13.24
C ASP D 72 -33.64 3.51 14.66
N GLY D 73 -32.70 2.85 15.32
CA GLY D 73 -32.91 2.37 16.67
C GLY D 73 -31.66 2.42 17.53
N ILE D 76 -29.78 -0.82 21.26
CA ILE D 76 -30.55 -1.49 22.31
C ILE D 76 -30.23 -2.97 22.32
N ASP D 77 -30.02 -3.54 21.13
CA ASP D 77 -29.59 -4.93 21.03
C ASP D 77 -28.16 -5.09 21.53
N ILE D 78 -27.35 -4.05 21.44
CA ILE D 78 -26.00 -4.06 21.97
C ILE D 78 -26.07 -4.13 23.49
N ASP D 79 -26.14 -5.35 24.01
CA ASP D 79 -26.30 -5.55 25.46
C ASP D 79 -25.15 -4.92 26.23
N LEU D 80 -23.92 -5.09 25.76
CA LEU D 80 -22.73 -4.59 26.42
C LEU D 80 -22.05 -3.54 25.54
N ARG D 81 -21.68 -2.42 26.13
CA ARG D 81 -21.02 -1.34 25.42
C ARG D 81 -19.68 -0.96 26.06
N LYS D 82 -19.15 -1.83 26.90
CA LYS D 82 -17.92 -1.58 27.65
C LYS D 82 -16.99 -2.78 27.52
N THR D 83 -15.72 -2.52 27.25
CA THR D 83 -14.75 -3.59 27.15
C THR D 83 -14.17 -3.95 28.50
N ASN D 84 -13.53 -5.11 28.57
CA ASN D 84 -12.83 -5.52 29.78
C ASN D 84 -11.57 -4.68 29.96
N SER D 85 -10.93 -4.86 31.12
CA SER D 85 -9.64 -4.25 31.35
C SER D 85 -8.59 -4.89 30.45
N LEU D 86 -8.04 -4.11 29.53
CA LEU D 86 -7.11 -4.59 28.54
C LEU D 86 -5.69 -4.10 28.84
N SER D 87 -4.73 -4.77 28.23
CA SER D 87 -3.34 -4.35 28.36
C SER D 87 -3.14 -2.96 27.78
N SER D 88 -2.23 -2.19 28.39
CA SER D 88 -1.90 -0.88 27.85
C SER D 88 -1.29 -1.01 26.46
N ALA D 89 -0.48 -2.05 26.25
CA ALA D 89 0.09 -2.30 24.92
C ALA D 89 -0.98 -2.78 23.95
N VAL D 90 -2.03 -3.45 24.44
CA VAL D 90 -3.13 -3.87 23.59
C VAL D 90 -3.93 -2.65 23.13
N ALA D 91 -4.21 -1.72 24.05
CA ALA D 91 -5.00 -0.54 23.71
C ALA D 91 -4.29 0.34 22.69
N ALA D 92 -2.95 0.37 22.74
CA ALA D 92 -2.21 1.15 21.75
C ALA D 92 -2.39 0.57 20.35
N LYS D 93 -2.40 -0.76 20.23
CA LYS D 93 -2.56 -1.39 18.93
C LYS D 93 -3.98 -1.25 18.40
N ILE D 94 -4.98 -1.32 19.30
CA ILE D 94 -6.36 -1.09 18.89
C ILE D 94 -6.50 0.28 18.23
N LEU D 95 -5.95 1.31 18.88
CA LEU D 95 -6.06 2.67 18.36
C LEU D 95 -5.20 2.87 17.11
N GLU D 96 -4.08 2.17 17.00
CA GLU D 96 -3.32 2.20 15.75
C GLU D 96 -4.11 1.58 14.61
N SER D 97 -4.92 0.56 14.90
CA SER D 97 -5.71 -0.08 13.87
C SER D 97 -6.95 0.75 13.51
N TYR D 98 -7.69 1.20 14.53
CA TYR D 98 -8.92 1.94 14.27
C TYR D 98 -8.64 3.25 13.55
N PHE D 99 -7.56 3.93 13.91
CA PHE D 99 -7.19 5.19 13.28
C PHE D 99 -6.11 5.02 12.22
N GLN D 100 -6.10 3.87 11.53
CA GLN D 100 -4.98 3.54 10.66
C GLN D 100 -4.69 4.61 9.61
N ASP D 101 -5.70 5.38 9.21
CA ASP D 101 -5.52 6.34 8.13
C ASP D 101 -4.62 7.50 8.55
N SER D 102 -4.86 8.06 9.74
CA SER D 102 -4.14 9.24 10.20
C SER D 102 -2.72 8.96 10.66
N ALA D 103 -2.29 7.69 10.63
CA ALA D 103 -0.98 7.27 11.10
C ALA D 103 -0.68 7.79 12.51
N PRO D 104 -1.54 7.52 13.48
CA PRO D 104 -1.29 8.05 14.82
C PRO D 104 -0.13 7.31 15.46
N SER D 105 0.57 8.02 16.31
CA SER D 105 1.50 7.36 17.20
C SER D 105 0.98 7.47 18.63
N PHE D 106 1.43 6.50 19.45
CA PHE D 106 1.26 6.55 20.90
C PHE D 106 2.53 6.28 21.70
N ASP D 107 3.49 5.51 21.21
CA ASP D 107 4.88 5.51 21.72
C ASP D 107 4.94 5.60 23.24
N LEU D 108 4.30 4.60 23.88
CA LEU D 108 4.18 4.52 25.34
C LEU D 108 3.69 5.82 25.96
N ALA D 109 2.69 6.46 25.32
CA ALA D 109 1.91 7.46 26.03
C ALA D 109 1.11 6.80 27.13
N PHE D 110 0.82 5.50 26.98
CA PHE D 110 0.13 4.70 27.98
C PHE D 110 1.09 4.01 28.94
N GLU D 111 2.28 4.59 29.15
CA GLU D 111 3.26 3.99 30.05
C GLU D 111 2.80 4.08 31.50
N ASN D 112 2.17 5.19 31.88
CA ASN D 112 1.65 5.39 33.22
C ASN D 112 0.33 4.68 33.45
N SER D 113 -0.21 3.99 32.45
CA SER D 113 -1.48 3.29 32.57
C SER D 113 -1.23 1.80 32.79
N SER D 114 -1.92 1.23 33.77
CA SER D 114 -1.81 -0.20 34.04
C SER D 114 -2.82 -1.01 33.23
N SER D 115 -4.08 -0.56 33.22
CA SER D 115 -5.12 -1.19 32.43
C SER D 115 -5.95 -0.11 31.75
N VAL D 116 -6.60 -0.49 30.66
CA VAL D 116 -7.41 0.43 29.88
C VAL D 116 -8.79 -0.18 29.68
N ILE D 117 -9.83 0.65 29.75
CA ILE D 117 -11.21 0.24 29.48
C ILE D 117 -11.78 1.13 28.40
N PHE D 118 -12.30 0.52 27.35
CA PHE D 118 -13.02 1.24 26.30
C PHE D 118 -14.51 1.25 26.61
N HIS D 119 -15.14 2.40 26.40
CA HIS D 119 -16.56 2.56 26.70
C HIS D 119 -17.20 3.43 25.63
N ILE D 120 -18.30 2.94 25.06
CA ILE D 120 -19.09 3.68 24.07
C ILE D 120 -20.49 3.78 24.64
N GLU D 121 -20.83 4.95 25.19
CA GLU D 121 -22.06 5.08 25.97
C GLU D 121 -23.30 4.94 25.09
N GLU D 122 -23.46 5.81 24.10
CA GLU D 122 -24.66 5.82 23.27
C GLU D 122 -24.36 5.26 21.88
N ILE D 123 -25.29 4.47 21.37
CA ILE D 123 -25.19 3.84 20.06
C ILE D 123 -26.50 4.07 19.32
N ILE D 124 -26.41 4.61 18.11
CA ILE D 124 -27.56 4.79 17.23
C ILE D 124 -27.43 3.80 16.08
N THR D 125 -28.48 3.02 15.85
CA THR D 125 -28.46 1.95 14.86
C THR D 125 -29.45 2.27 13.75
N THR D 126 -28.97 2.20 12.50
CA THR D 126 -29.83 2.31 11.32
C THR D 126 -30.00 0.91 10.75
N ASP D 127 -31.20 0.34 10.92
CA ASP D 127 -31.44 -1.07 10.66
C ASP D 127 -32.35 -1.25 9.45
N ALA D 128 -31.88 -2.03 8.49
CA ALA D 128 -32.71 -2.49 7.39
C ALA D 128 -33.40 -3.79 7.77
N ASP D 129 -34.70 -3.88 7.47
CA ASP D 129 -35.45 -5.10 7.73
C ASP D 129 -34.90 -6.24 6.88
N GLU D 130 -34.22 -7.19 7.51
CA GLU D 130 -33.59 -8.27 6.76
C GLU D 130 -34.62 -9.14 6.05
N ILE D 131 -35.74 -9.42 6.70
CA ILE D 131 -36.82 -10.17 6.06
C ILE D 131 -37.34 -9.41 4.84
N SER D 132 -37.49 -8.09 4.97
CA SER D 132 -38.02 -7.30 3.87
C SER D 132 -37.05 -7.24 2.71
N LEU D 133 -35.75 -7.07 2.99
CA LEU D 133 -34.76 -7.03 1.91
C LEU D 133 -34.72 -8.34 1.15
N ARG D 134 -34.84 -9.47 1.86
CA ARG D 134 -34.72 -10.78 1.22
C ARG D 134 -35.86 -10.99 0.22
N ASN D 135 -37.11 -10.98 0.69
CA ASN D 135 -38.22 -11.23 -0.21
C ASN D 135 -38.37 -10.13 -1.26
N TRP D 136 -37.80 -8.94 -1.00
CA TRP D 136 -37.78 -7.91 -2.03
C TRP D 136 -36.80 -8.27 -3.14
N LEU D 137 -35.68 -8.88 -2.79
CA LEU D 137 -34.71 -9.32 -3.79
C LEU D 137 -35.20 -10.52 -4.58
N ASN D 138 -36.27 -11.18 -4.14
CA ASN D 138 -36.86 -12.29 -4.88
C ASN D 138 -37.91 -11.82 -5.87
N ASP D 139 -38.66 -10.77 -5.55
CA ASP D 139 -39.68 -10.25 -6.44
C ASP D 139 -39.09 -9.37 -7.54
N ASN D 140 -38.02 -8.64 -7.24
CA ASN D 140 -37.38 -7.75 -8.19
C ASN D 140 -36.21 -8.39 -8.93
N GLN D 141 -36.03 -9.71 -8.80
CA GLN D 141 -34.95 -10.38 -9.52
C GLN D 141 -35.11 -10.26 -11.03
N ASN D 142 -36.35 -10.08 -11.51
CA ASN D 142 -36.58 -9.97 -12.95
C ASN D 142 -35.92 -8.72 -13.54
N GLU D 143 -35.82 -7.65 -12.76
CA GLU D 143 -35.33 -6.36 -13.24
C GLU D 143 -33.88 -6.10 -12.88
N LEU D 144 -33.12 -7.15 -12.58
CA LEU D 144 -31.69 -6.99 -12.34
C LEU D 144 -30.98 -6.69 -13.65
N ARG D 145 -30.08 -5.69 -13.62
CA ARG D 145 -29.40 -5.28 -14.84
C ARG D 145 -28.40 -6.33 -15.28
N GLU D 146 -28.32 -6.53 -16.59
CA GLU D 146 -27.55 -7.64 -17.13
C GLU D 146 -26.07 -7.49 -16.85
N ILE D 147 -25.55 -6.27 -16.90
CA ILE D 147 -24.11 -6.06 -16.71
C ILE D 147 -23.69 -6.46 -15.30
N TYR D 148 -24.57 -6.30 -14.32
CA TYR D 148 -24.24 -6.64 -12.95
C TYR D 148 -24.59 -8.07 -12.57
N LYS D 149 -25.40 -8.77 -13.38
CA LYS D 149 -25.76 -10.15 -13.05
C LYS D 149 -24.52 -11.04 -12.93
N GLU D 150 -23.49 -10.77 -13.72
CA GLU D 150 -22.27 -11.56 -13.64
C GLU D 150 -21.48 -11.23 -12.38
N GLU D 151 -21.38 -9.95 -12.03
CA GLU D 151 -20.62 -9.56 -10.85
C GLU D 151 -21.26 -10.04 -9.55
N ILE D 152 -22.57 -10.27 -9.54
CA ILE D 152 -23.22 -10.83 -8.35
C ILE D 152 -22.79 -12.27 -8.14
N LYS D 153 -22.42 -12.97 -9.21
CA LYS D 153 -22.24 -14.42 -9.16
C LYS D 153 -21.00 -14.85 -8.39
N LYS D 154 -19.99 -13.99 -8.25
CA LYS D 154 -18.73 -14.40 -7.66
C LYS D 154 -18.78 -14.49 -6.14
N GLY D 155 -19.72 -13.81 -5.50
CA GLY D 155 -19.81 -13.83 -4.05
C GLY D 155 -18.93 -12.84 -3.34
N ASN D 156 -18.44 -11.81 -4.04
CA ASN D 156 -17.66 -10.76 -3.41
C ASN D 156 -18.52 -9.57 -2.98
N PHE D 157 -19.79 -9.56 -3.33
CA PHE D 157 -20.69 -8.46 -2.99
C PHE D 157 -21.29 -8.66 -1.61
N PHE D 158 -21.40 -7.57 -0.86
CA PHE D 158 -22.07 -7.56 0.44
C PHE D 158 -22.93 -6.31 0.54
N VAL D 159 -24.05 -6.43 1.25
CA VAL D 159 -24.99 -5.33 1.42
C VAL D 159 -25.05 -4.96 2.91
N ALA D 160 -24.98 -3.67 3.20
CA ALA D 160 -25.00 -3.18 4.57
C ALA D 160 -26.43 -3.25 5.09
N THR D 161 -26.72 -4.25 5.93
CA THR D 161 -28.07 -4.43 6.44
C THR D 161 -28.32 -3.69 7.74
N SER D 162 -27.27 -3.21 8.42
CA SER D 162 -27.43 -2.52 9.69
C SER D 162 -26.19 -1.69 9.97
N LEU D 163 -26.39 -0.51 10.53
CA LEU D 163 -25.32 0.44 10.83
C LEU D 163 -25.23 0.69 12.31
N LEU D 164 -24.00 0.70 12.83
CA LEU D 164 -23.72 1.08 14.21
C LEU D 164 -23.00 2.43 14.19
N ARG D 165 -23.61 3.44 14.80
CA ARG D 165 -23.13 4.81 14.75
C ARG D 165 -22.85 5.31 16.16
N ALA D 166 -21.72 5.98 16.32
CA ALA D 166 -21.34 6.54 17.62
C ALA D 166 -20.55 7.82 17.40
N LYS D 167 -20.71 8.76 18.34
CA LYS D 167 -19.98 10.01 18.34
C LYS D 167 -19.07 10.18 19.54
N LYS D 168 -19.38 9.52 20.66
CA LYS D 168 -18.63 9.67 21.89
C LYS D 168 -18.06 8.33 22.31
N ARG D 170 -15.36 6.60 25.44
CA ARG D 170 -14.74 6.83 26.72
C ARG D 170 -13.59 5.85 26.94
N GLN D 172 -10.78 4.76 29.97
CA GLN D 172 -10.38 4.83 31.37
C GLN D 172 -9.02 4.19 31.54
N PHE D 173 -8.19 4.78 32.40
CA PHE D 173 -6.80 4.36 32.56
C PHE D 173 -6.45 4.24 34.04
N GLU D 174 -6.39 3.00 34.53
CA GLU D 174 -5.92 2.77 35.89
C GLU D 174 -4.49 3.26 36.03
N ARG D 175 -4.28 4.24 36.89
CA ARG D 175 -2.97 4.84 37.03
C ARG D 175 -1.95 3.84 37.58
N LYS D 176 -0.76 3.84 36.98
CA LYS D 176 0.36 3.11 37.55
C LYS D 176 0.99 3.89 38.70
N ASN D 177 1.26 5.18 38.46
CA ASN D 177 1.67 6.13 39.49
C ASN D 177 0.50 7.08 39.72
N LYS D 178 0.02 7.16 40.96
CA LYS D 178 -1.14 7.99 41.27
C LYS D 178 -0.85 9.48 41.19
N GLY D 179 0.36 9.88 40.83
CA GLY D 179 0.69 11.29 40.65
C GLY D 179 0.88 11.67 39.19
N GLY D 182 -1.85 9.99 34.53
CA GLY D 182 -2.43 8.79 33.95
C GLY D 182 -1.99 8.56 32.53
N VAL D 183 -2.46 9.41 31.62
CA VAL D 183 -2.07 9.37 30.22
C VAL D 183 -1.35 10.67 29.90
N ASP D 184 -0.22 10.56 29.20
CA ASP D 184 0.43 11.74 28.63
C ASP D 184 -0.16 11.93 27.24
N VAL D 185 -1.17 12.80 27.15
CA VAL D 185 -1.86 13.07 25.89
C VAL D 185 -0.91 13.62 24.83
N SER D 186 0.31 13.98 25.26
CA SER D 186 1.30 14.49 24.33
C SER D 186 1.58 13.50 23.21
N LYS D 187 2.12 12.33 23.55
CA LYS D 187 2.48 11.32 22.55
C LYS D 187 1.29 10.77 21.76
N ILE D 188 0.05 11.18 22.06
CA ILE D 188 -1.06 11.05 21.12
C ILE D 188 -0.88 12.15 20.08
N LYS D 189 -0.10 11.86 19.04
CA LYS D 189 0.31 12.91 18.10
C LYS D 189 -0.79 13.22 17.09
N ASN D 190 -0.98 12.34 16.10
CA ASN D 190 -1.92 12.59 15.01
C ASN D 190 -3.24 11.90 15.32
N LEU D 191 -4.25 12.67 15.69
CA LEU D 191 -5.55 12.11 16.02
C LEU D 191 -6.63 12.75 15.15
N PRO D 192 -7.28 11.99 14.27
CA PRO D 192 -8.29 12.61 13.38
C PRO D 192 -9.46 13.22 14.13
N VAL D 193 -9.81 12.67 15.29
CA VAL D 193 -10.85 13.24 16.13
C VAL D 193 -10.18 14.09 17.20
N ASP D 194 -10.96 14.98 17.81
CA ASP D 194 -10.47 15.75 18.95
C ASP D 194 -10.97 15.12 20.24
N ALA D 195 -10.12 15.20 21.27
CA ALA D 195 -10.34 14.45 22.50
C ALA D 195 -9.33 14.84 23.56
N LYS D 196 -9.78 15.48 24.63
CA LYS D 196 -8.92 15.82 25.75
C LYS D 196 -9.49 15.22 27.04
N LEU D 197 -8.61 15.12 28.03
CA LEU D 197 -8.94 14.41 29.26
C LEU D 197 -10.08 15.09 30.01
N GLU D 198 -10.99 14.27 30.53
CA GLU D 198 -12.07 14.75 31.40
C GLU D 198 -11.58 14.72 32.84
N SER D 199 -11.42 15.90 33.43
CA SER D 199 -10.94 16.04 34.79
C SER D 199 -12.06 15.66 35.76
N LYS D 200 -11.90 14.52 36.43
CA LYS D 200 -12.85 14.04 37.42
C LYS D 200 -12.13 13.74 38.71
N ILE D 201 -12.90 13.65 39.79
CA ILE D 201 -12.35 13.33 41.10
C ILE D 201 -12.05 11.84 41.19
N TYR D 206 -7.51 6.80 38.77
CA TYR D 206 -7.49 6.69 37.32
C TYR D 206 -7.86 8.01 36.64
N ASP D 207 -7.73 8.04 35.32
CA ASP D 207 -8.06 9.21 34.50
C ASP D 207 -8.91 8.77 33.33
N ARG D 208 -10.03 9.46 33.12
CA ARG D 208 -10.97 9.12 32.06
C ARG D 208 -10.74 10.01 30.85
N LEU D 209 -10.56 9.39 29.70
CA LEU D 209 -10.31 10.07 28.44
C LEU D 209 -11.48 9.80 27.50
N VAL D 210 -12.06 10.85 26.93
CA VAL D 210 -13.20 10.70 26.04
C VAL D 210 -12.83 11.22 24.66
N PHE D 211 -13.27 10.51 23.64
CA PHE D 211 -13.04 10.88 22.24
C PHE D 211 -14.35 11.31 21.63
N GLU D 212 -14.34 12.43 20.92
CA GLU D 212 -15.51 12.95 20.24
C GLU D 212 -15.16 13.26 18.79
N THR D 213 -15.92 12.70 17.86
CA THR D 213 -15.74 13.04 16.47
C THR D 213 -16.08 14.51 16.26
N PRO D 214 -15.30 15.24 15.47
CA PRO D 214 -15.58 16.68 15.29
C PRO D 214 -16.95 16.98 14.73
N ASP D 215 -17.57 16.05 13.99
CA ASP D 215 -18.85 16.35 13.36
C ASP D 215 -19.70 15.09 13.25
N GLU D 216 -20.97 15.21 13.66
CA GLU D 216 -22.08 14.33 13.33
C GLU D 216 -21.86 12.84 13.60
N GLY D 217 -20.77 12.48 14.28
CA GLY D 217 -20.54 11.08 14.56
C GLY D 217 -20.15 10.27 13.34
N ILE D 218 -19.74 9.02 13.55
CA ILE D 218 -19.25 8.15 12.50
C ILE D 218 -19.88 6.78 12.64
N VAL D 219 -19.53 5.90 11.71
CA VAL D 219 -19.93 4.50 11.73
C VAL D 219 -18.75 3.67 12.25
N PHE D 220 -18.99 2.89 13.30
CA PHE D 220 -17.96 1.99 13.83
C PHE D 220 -18.30 0.51 13.67
N GLY D 221 -19.53 0.19 13.27
CA GLY D 221 -19.90 -1.19 13.04
C GLY D 221 -20.87 -1.31 11.90
N VAL D 222 -20.82 -2.45 11.20
CA VAL D 222 -21.74 -2.74 10.11
C VAL D 222 -21.99 -4.24 10.06
N LYS D 223 -23.22 -4.60 9.71
CA LYS D 223 -23.61 -6.01 9.55
C LYS D 223 -23.68 -6.30 8.06
N LEU D 224 -22.64 -6.92 7.53
CA LEU D 224 -22.52 -7.18 6.11
C LEU D 224 -23.07 -8.57 5.78
N VAL D 225 -23.93 -8.62 4.77
CA VAL D 225 -24.54 -9.87 4.31
C VAL D 225 -24.25 -10.03 2.83
N ARG D 226 -23.90 -11.26 2.44
CA ARG D 226 -23.51 -11.53 1.06
C ARG D 226 -24.71 -11.48 0.13
N LEU D 227 -24.46 -11.06 -1.11
CA LEU D 227 -25.46 -11.07 -2.19
C LEU D 227 -25.07 -12.17 -3.17
N PHE D 228 -25.72 -13.33 -3.06
CA PHE D 228 -25.31 -14.52 -3.79
C PHE D 228 -26.50 -15.17 -4.49
N PHE D 229 -26.20 -16.19 -5.29
CA PHE D 229 -27.20 -17.01 -5.96
C PHE D 229 -27.22 -18.40 -5.35
N SER D 230 -28.42 -18.94 -5.15
CA SER D 230 -28.59 -20.28 -4.62
C SER D 230 -28.24 -21.33 -5.68
N ASP D 231 -28.44 -22.60 -5.33
CA ASP D 231 -28.29 -23.67 -6.32
C ASP D 231 -29.29 -23.52 -7.45
N ASN D 232 -30.55 -23.26 -7.10
CA ASN D 232 -31.56 -22.96 -8.11
C ASN D 232 -31.16 -21.75 -8.93
N GLY D 233 -30.57 -20.75 -8.28
CA GLY D 233 -30.30 -19.48 -8.91
C GLY D 233 -31.17 -18.34 -8.41
N ILE D 234 -31.95 -18.55 -7.35
CA ILE D 234 -32.77 -17.49 -6.79
C ILE D 234 -31.86 -16.48 -6.10
N LEU D 235 -31.90 -15.23 -6.57
CA LEU D 235 -31.12 -14.15 -5.95
C LEU D 235 -31.66 -13.88 -4.56
N THR D 236 -30.78 -13.97 -3.56
CA THR D 236 -31.22 -13.85 -2.17
C THR D 236 -30.02 -13.56 -1.29
N ILE D 237 -30.33 -13.13 -0.06
CA ILE D 237 -29.36 -13.07 1.02
C ILE D 237 -29.44 -14.28 1.92
N ASP D 238 -30.42 -15.16 1.70
CA ASP D 238 -30.69 -16.30 2.57
C ASP D 238 -30.00 -17.55 2.04
N LYS D 239 -29.32 -18.27 2.92
CA LYS D 239 -28.71 -19.53 2.55
C LYS D 239 -29.70 -20.69 2.56
N LYS D 240 -30.93 -20.47 3.00
CA LYS D 240 -31.99 -21.47 2.98
C LYS D 240 -33.14 -21.00 2.09
N GLN D 241 -32.81 -20.31 1.00
CA GLN D 241 -33.84 -19.76 0.12
C GLN D 241 -34.66 -20.86 -0.52
N ASP D 242 -34.02 -21.95 -0.90
CA ASP D 242 -34.67 -23.00 -1.69
C ASP D 242 -35.64 -23.83 -0.84
N ASN D 250 -36.72 -18.02 11.23
CA ASN D 250 -35.57 -18.87 10.96
C ASN D 250 -34.95 -18.54 9.60
N ALA D 252 -31.13 -17.87 7.90
CA ALA D 252 -29.68 -18.00 8.13
C ALA D 252 -28.94 -17.33 6.98
N LEU D 253 -28.27 -16.22 7.26
CA LEU D 253 -27.64 -15.40 6.25
C LEU D 253 -26.15 -15.67 6.18
N ASN D 254 -25.56 -15.33 5.03
CA ASN D 254 -24.12 -15.50 4.81
C ASN D 254 -23.44 -14.21 5.29
N LEU D 255 -23.03 -14.22 6.56
CA LEU D 255 -22.45 -13.05 7.20
C LEU D 255 -20.94 -12.99 6.97
N PHE D 256 -20.41 -11.77 6.87
CA PHE D 256 -18.97 -11.61 6.75
C PHE D 256 -18.25 -12.07 8.02
N THR D 257 -18.89 -11.91 9.18
CA THR D 257 -18.32 -12.39 10.43
C THR D 257 -18.20 -13.90 10.47
N GLU D 258 -18.91 -14.61 9.60
CA GLU D 258 -18.78 -16.05 9.47
C GLU D 258 -17.79 -16.46 8.41
N ILE D 259 -17.27 -15.52 7.62
CA ILE D 259 -16.28 -15.85 6.60
C ILE D 259 -14.96 -16.21 7.27
N GLN D 260 -14.40 -17.36 6.90
CA GLN D 260 -13.19 -17.84 7.53
C GLN D 260 -11.96 -17.25 6.87
N ASP D 261 -11.01 -16.82 7.70
CA ASP D 261 -9.82 -16.11 7.24
C ASP D 261 -8.59 -16.85 7.71
N ALA D 262 -7.85 -17.43 6.77
CA ALA D 262 -6.55 -18.02 7.08
C ALA D 262 -5.56 -16.91 7.37
N GLY D 263 -4.97 -16.93 8.57
CA GLY D 263 -4.06 -15.89 8.98
C GLY D 263 -2.77 -15.84 8.17
N PHE D 264 -2.75 -15.01 7.13
CA PHE D 264 -1.55 -14.83 6.31
C PHE D 264 -0.85 -13.55 6.74
N ILE D 265 0.43 -13.65 7.08
CA ILE D 265 1.22 -12.51 7.50
C ILE D 265 2.08 -12.03 6.33
N GLU D 266 2.24 -10.71 6.23
CA GLU D 266 3.02 -10.09 5.17
C GLU D 266 4.26 -9.48 5.79
N VAL D 267 5.43 -9.88 5.29
CA VAL D 267 6.71 -9.37 5.78
C VAL D 267 7.31 -8.52 4.66
N THR D 268 7.24 -7.21 4.81
CA THR D 268 7.82 -6.30 3.83
C THR D 268 9.19 -5.80 4.28
#